data_1XG4
#
_entry.id   1XG4
#
_cell.length_a   159.061
_cell.length_b   84.561
_cell.length_c   99.756
_cell.angle_alpha   90.00
_cell.angle_beta   108.15
_cell.angle_gamma   90.00
#
_symmetry.space_group_name_H-M   'C 1 2 1'
#
loop_
_entity.id
_entity.type
_entity.pdbx_description
1 polymer 'Probable methylisocitrate lyase'
2 non-polymer 'MAGNESIUM ION'
3 non-polymer 'ISOCITRIC ACID'
4 water water
#
_entity_poly.entity_id   1
_entity_poly.type   'polypeptide(L)'
_entity_poly.pdbx_seq_one_letter_code
;SLHSPGKAFRAALTKENPLQIVGTINANHALLAQRAGYQAIYLSGGGVAAGSLGLPDLGISTLDDVLTDIRRITDVCSLP
LLVDADIGFGSSAFNVARTVKSMIKAGAAGLHIEDQVGAKRSGHRPNKAIVSKEEMVDRIRAAVDAKTDPDFVIMARTDA
LAVEGLDAAIERAQAYVEAGAEMLFPEAITELAMYRQFADAVQVPILANITEFGATPLFTTDELRSAHVAMALYPLSAFR
AMNRAAEHVYNVLRQEGTQKSVIDTMQTRNELYESINYYQYEEKLDNLFARSQVK
;
_entity_poly.pdbx_strand_id   A,B,C,D
#
# COMPACT_ATOMS: atom_id res chain seq x y z
N SER A 1 12.73 -19.29 -19.23
CA SER A 1 12.00 -20.04 -18.18
C SER A 1 12.10 -19.31 -16.83
N LEU A 2 10.95 -18.84 -16.34
CA LEU A 2 10.89 -18.11 -15.07
C LEU A 2 10.77 -19.08 -13.88
N HIS A 3 11.28 -18.66 -12.72
CA HIS A 3 11.24 -19.49 -11.52
C HIS A 3 9.86 -19.54 -10.87
N SER A 4 9.42 -20.74 -10.53
CA SER A 4 8.12 -20.93 -9.88
C SER A 4 8.30 -21.31 -8.42
N PRO A 5 7.84 -20.45 -7.50
CA PRO A 5 7.97 -20.78 -6.08
C PRO A 5 7.20 -22.04 -5.73
N GLY A 6 6.07 -22.23 -6.40
CA GLY A 6 5.24 -23.40 -6.17
C GLY A 6 5.98 -24.66 -6.56
N LYS A 7 6.75 -24.59 -7.65
CA LYS A 7 7.52 -25.74 -8.11
C LYS A 7 8.62 -26.04 -7.09
N ALA A 8 9.18 -24.99 -6.49
CA ALA A 8 10.23 -25.15 -5.48
C ALA A 8 9.65 -25.77 -4.21
N PHE A 9 8.41 -25.43 -3.88
CA PHE A 9 7.75 -25.99 -2.69
C PHE A 9 7.54 -27.49 -2.88
N ARG A 10 7.00 -27.86 -4.04
CA ARG A 10 6.74 -29.26 -4.35
C ARG A 10 8.06 -30.05 -4.33
N ALA A 11 9.14 -29.43 -4.80
CA ALA A 11 10.44 -30.09 -4.79
C ALA A 11 10.94 -30.29 -3.36
N ALA A 12 10.70 -29.31 -2.51
CA ALA A 12 11.13 -29.40 -1.11
C ALA A 12 10.44 -30.56 -0.42
N LEU A 13 9.18 -30.80 -0.78
CA LEU A 13 8.40 -31.89 -0.20
C LEU A 13 9.00 -33.26 -0.54
N THR A 14 9.60 -33.37 -1.72
CA THR A 14 10.20 -34.64 -2.14
C THR A 14 11.55 -34.90 -1.51
N LYS A 15 12.16 -33.87 -0.95
CA LYS A 15 13.49 -34.01 -0.36
C LYS A 15 13.53 -34.08 1.15
N GLU A 16 12.40 -33.85 1.79
CA GLU A 16 12.34 -33.88 3.25
C GLU A 16 11.01 -34.48 3.68
N ASN A 17 11.04 -35.44 4.60
CA ASN A 17 9.82 -36.10 5.04
C ASN A 17 9.80 -36.41 6.54
N PRO A 18 8.96 -35.68 7.31
CA PRO A 18 8.08 -34.63 6.80
C PRO A 18 8.86 -33.34 6.57
N LEU A 19 8.34 -32.49 5.69
CA LEU A 19 8.97 -31.22 5.40
C LEU A 19 8.67 -30.26 6.53
N GLN A 20 9.70 -29.75 7.21
CA GLN A 20 9.46 -28.79 8.28
C GLN A 20 9.26 -27.40 7.67
N ILE A 21 8.17 -26.75 8.05
CA ILE A 21 7.86 -25.42 7.53
C ILE A 21 7.69 -24.52 8.74
N VAL A 22 8.49 -23.46 8.84
CA VAL A 22 8.34 -22.59 10.00
C VAL A 22 7.74 -21.24 9.65
N GLY A 23 6.88 -20.74 10.53
CA GLY A 23 6.31 -19.43 10.31
C GLY A 23 7.40 -18.37 10.46
N THR A 24 7.34 -17.35 9.63
CA THR A 24 8.30 -16.25 9.65
C THR A 24 7.45 -14.98 9.73
N ILE A 25 7.50 -14.32 10.88
CA ILE A 25 6.69 -13.13 11.14
C ILE A 25 7.02 -11.91 10.26
N ASN A 26 8.25 -11.83 9.78
CA ASN A 26 8.65 -10.72 8.91
C ASN A 26 9.82 -11.16 8.05
N ALA A 27 10.28 -10.27 7.19
CA ALA A 27 11.38 -10.57 6.27
C ALA A 27 12.68 -10.97 6.96
N ASN A 28 13.01 -10.30 8.06
CA ASN A 28 14.22 -10.60 8.79
C ASN A 28 14.20 -12.07 9.26
N HIS A 29 13.07 -12.49 9.81
CA HIS A 29 12.97 -13.86 10.30
C HIS A 29 12.99 -14.92 9.19
N ALA A 30 12.54 -14.54 7.99
CA ALA A 30 12.57 -15.46 6.87
C ALA A 30 14.05 -15.73 6.55
N LEU A 31 14.88 -14.69 6.61
CA LEU A 31 16.31 -14.83 6.36
C LEU A 31 16.92 -15.71 7.46
N LEU A 32 16.49 -15.51 8.70
CA LEU A 32 17.01 -16.32 9.81
C LEU A 32 16.63 -17.79 9.62
N ALA A 33 15.40 -18.04 9.15
CA ALA A 33 14.93 -19.41 8.94
C ALA A 33 15.73 -20.06 7.82
N GLN A 34 16.04 -19.27 6.79
CA GLN A 34 16.81 -19.77 5.67
C GLN A 34 18.23 -20.11 6.14
N ARG A 35 18.81 -19.23 6.94
CA ARG A 35 20.17 -19.48 7.44
C ARG A 35 20.19 -20.69 8.37
N ALA A 36 19.05 -21.01 8.97
CA ALA A 36 18.95 -22.17 9.86
C ALA A 36 18.78 -23.48 9.09
N GLY A 37 18.60 -23.39 7.77
CA GLY A 37 18.47 -24.60 6.97
C GLY A 37 17.10 -25.03 6.47
N TYR A 38 16.06 -24.30 6.83
CA TYR A 38 14.71 -24.66 6.40
C TYR A 38 14.58 -24.53 4.89
N GLN A 39 13.73 -25.37 4.30
CA GLN A 39 13.53 -25.39 2.85
C GLN A 39 12.22 -24.76 2.42
N ALA A 40 11.41 -24.39 3.40
CA ALA A 40 10.12 -23.76 3.12
C ALA A 40 9.70 -22.97 4.36
N ILE A 41 8.97 -21.88 4.14
CA ILE A 41 8.50 -21.03 5.23
C ILE A 41 7.01 -20.74 5.12
N TYR A 42 6.46 -20.14 6.17
CA TYR A 42 5.03 -19.90 6.23
C TYR A 42 4.64 -18.50 6.70
N LEU A 43 3.60 -17.93 6.12
CA LEU A 43 3.11 -16.62 6.56
C LEU A 43 1.79 -16.91 7.27
N SER A 44 1.85 -16.88 8.60
CA SER A 44 0.70 -17.15 9.45
C SER A 44 -0.32 -16.03 9.47
N GLY A 45 -1.60 -16.39 9.31
CA GLY A 45 -2.66 -15.39 9.33
C GLY A 45 -2.78 -14.85 10.75
N GLY A 46 -2.58 -15.72 11.72
CA GLY A 46 -2.63 -15.29 13.11
C GLY A 46 -1.48 -14.35 13.41
N GLY A 47 -0.37 -14.53 12.70
CA GLY A 47 0.80 -13.69 12.87
C GLY A 47 0.65 -12.33 12.20
N VAL A 48 0.02 -12.31 11.03
CA VAL A 48 -0.22 -11.04 10.36
C VAL A 48 -1.14 -10.23 11.27
N ALA A 49 -2.17 -10.87 11.80
CA ALA A 49 -3.10 -10.18 12.67
C ALA A 49 -2.46 -9.74 14.00
N ALA A 50 -2.02 -10.69 14.81
CA ALA A 50 -1.47 -10.37 16.12
C ALA A 50 -0.13 -9.64 16.10
N GLY A 51 0.71 -9.96 15.12
CA GLY A 51 2.01 -9.34 15.02
C GLY A 51 2.07 -8.06 14.20
N SER A 52 1.73 -8.13 12.91
CA SER A 52 1.77 -6.95 12.07
C SER A 52 0.70 -5.93 12.39
N LEU A 53 -0.47 -6.39 12.83
CA LEU A 53 -1.55 -5.46 13.12
C LEU A 53 -1.86 -5.26 14.62
N GLY A 54 -1.34 -6.14 15.46
CA GLY A 54 -1.61 -6.04 16.89
C GLY A 54 -3.09 -6.29 17.17
N LEU A 55 -3.72 -7.12 16.32
CA LEU A 55 -5.13 -7.44 16.44
C LEU A 55 -5.44 -8.93 16.56
N PRO A 56 -6.62 -9.27 17.09
CA PRO A 56 -7.00 -10.68 17.23
C PRO A 56 -7.14 -11.35 15.86
N ASP A 57 -6.90 -12.66 15.83
CA ASP A 57 -7.01 -13.48 14.63
C ASP A 57 -8.51 -13.83 14.49
N LEU A 58 -9.31 -12.86 14.07
CA LEU A 58 -10.76 -13.03 13.94
C LEU A 58 -11.35 -12.45 12.65
N GLY A 59 -10.63 -12.64 11.54
CA GLY A 59 -11.11 -12.15 10.26
C GLY A 59 -11.09 -10.65 10.11
N ILE A 60 -10.22 -9.98 10.87
CA ILE A 60 -10.14 -8.52 10.81
C ILE A 60 -9.12 -8.09 9.76
N SER A 61 -8.03 -8.84 9.62
CA SER A 61 -7.00 -8.50 8.62
C SER A 61 -7.60 -8.61 7.22
N THR A 62 -7.09 -7.81 6.29
CA THR A 62 -7.58 -7.81 4.92
C THR A 62 -6.55 -8.45 3.98
N LEU A 63 -6.97 -8.68 2.73
CA LEU A 63 -6.09 -9.28 1.75
C LEU A 63 -4.81 -8.45 1.60
N ASP A 64 -4.95 -7.13 1.58
CA ASP A 64 -3.79 -6.27 1.41
C ASP A 64 -2.80 -6.29 2.56
N ASP A 65 -3.29 -6.49 3.78
CA ASP A 65 -2.40 -6.58 4.94
C ASP A 65 -1.47 -7.78 4.70
N VAL A 66 -2.05 -8.87 4.20
CA VAL A 66 -1.28 -10.09 3.94
C VAL A 66 -0.34 -9.91 2.75
N LEU A 67 -0.85 -9.33 1.66
CA LEU A 67 0.00 -9.11 0.47
C LEU A 67 1.24 -8.28 0.83
N THR A 68 1.06 -7.30 1.71
CA THR A 68 2.20 -6.47 2.09
C THR A 68 3.31 -7.32 2.70
N ASP A 69 2.93 -8.23 3.59
CA ASP A 69 3.91 -9.08 4.23
C ASP A 69 4.47 -10.10 3.24
N ILE A 70 3.66 -10.57 2.30
CA ILE A 70 4.19 -11.54 1.32
C ILE A 70 5.29 -10.89 0.49
N ARG A 71 5.03 -9.68 0.02
CA ARG A 71 6.03 -8.99 -0.79
C ARG A 71 7.30 -8.70 0.00
N ARG A 72 7.14 -8.24 1.23
CA ARG A 72 8.31 -7.95 2.06
C ARG A 72 9.18 -9.19 2.19
N ILE A 73 8.56 -10.31 2.49
CA ILE A 73 9.30 -11.55 2.67
C ILE A 73 9.91 -12.10 1.39
N THR A 74 9.11 -12.25 0.33
CA THR A 74 9.63 -12.85 -0.89
C THR A 74 10.56 -11.94 -1.69
N ASP A 75 10.55 -10.64 -1.42
CA ASP A 75 11.44 -9.73 -2.14
C ASP A 75 12.90 -10.00 -1.74
N VAL A 76 13.09 -10.50 -0.52
CA VAL A 76 14.45 -10.75 -0.02
C VAL A 76 14.82 -12.20 0.26
N CYS A 77 13.83 -13.04 0.56
CA CYS A 77 14.08 -14.45 0.85
C CYS A 77 13.60 -15.34 -0.30
N SER A 78 14.51 -16.20 -0.79
CA SER A 78 14.21 -17.08 -1.92
C SER A 78 13.47 -18.38 -1.62
N LEU A 79 13.22 -18.68 -0.34
CA LEU A 79 12.53 -19.91 0.01
C LEU A 79 11.04 -19.84 -0.35
N PRO A 80 10.45 -20.97 -0.77
CA PRO A 80 9.03 -20.97 -1.12
C PRO A 80 8.19 -20.68 0.13
N LEU A 81 7.22 -19.77 -0.02
CA LEU A 81 6.36 -19.33 1.07
C LEU A 81 4.92 -19.81 0.95
N LEU A 82 4.46 -20.57 1.95
CA LEU A 82 3.07 -21.04 1.99
C LEU A 82 2.34 -19.97 2.79
N VAL A 83 1.19 -19.52 2.29
CA VAL A 83 0.43 -18.46 2.93
C VAL A 83 -0.95 -18.85 3.45
N ASP A 84 -1.27 -18.36 4.65
CA ASP A 84 -2.57 -18.57 5.28
C ASP A 84 -3.52 -17.57 4.60
N ALA A 85 -4.53 -18.05 3.87
CA ALA A 85 -5.44 -17.16 3.17
C ALA A 85 -6.83 -17.18 3.79
N ASP A 86 -6.90 -17.64 5.04
CA ASP A 86 -8.15 -17.72 5.78
C ASP A 86 -9.27 -18.29 4.92
N ILE A 87 -10.34 -17.53 4.66
CA ILE A 87 -11.41 -18.07 3.83
C ILE A 87 -11.47 -17.52 2.41
N GLY A 88 -10.42 -16.77 2.02
CA GLY A 88 -10.40 -16.21 0.68
C GLY A 88 -10.65 -14.73 0.58
N PHE A 89 -10.86 -14.07 1.72
CA PHE A 89 -11.09 -12.62 1.80
C PHE A 89 -12.27 -12.09 0.99
N GLY A 90 -13.45 -12.65 1.23
CA GLY A 90 -14.60 -12.20 0.51
C GLY A 90 -15.73 -13.20 0.59
N SER A 91 -16.91 -12.78 0.17
CA SER A 91 -18.07 -13.64 0.22
C SER A 91 -18.37 -14.36 -1.09
N SER A 92 -17.55 -14.17 -2.11
CA SER A 92 -17.81 -14.85 -3.39
C SER A 92 -16.57 -15.41 -4.07
N ALA A 93 -16.81 -16.18 -5.14
CA ALA A 93 -15.74 -16.81 -5.90
C ALA A 93 -14.82 -15.76 -6.50
N PHE A 94 -15.35 -14.56 -6.76
CA PHE A 94 -14.52 -13.51 -7.34
C PHE A 94 -13.45 -13.09 -6.36
N ASN A 95 -13.80 -13.10 -5.07
CA ASN A 95 -12.85 -12.71 -4.04
C ASN A 95 -11.79 -13.77 -3.90
N VAL A 96 -12.20 -15.04 -3.96
CA VAL A 96 -11.24 -16.13 -3.85
C VAL A 96 -10.27 -16.04 -5.02
N ALA A 97 -10.79 -15.81 -6.23
CA ALA A 97 -9.92 -15.71 -7.40
C ALA A 97 -8.97 -14.53 -7.29
N ARG A 98 -9.46 -13.37 -6.85
CA ARG A 98 -8.56 -12.22 -6.73
C ARG A 98 -7.45 -12.53 -5.72
N THR A 99 -7.79 -13.25 -4.66
CA THR A 99 -6.83 -13.61 -3.63
C THR A 99 -5.72 -14.50 -4.20
N VAL A 100 -6.10 -15.52 -4.94
CA VAL A 100 -5.14 -16.45 -5.53
C VAL A 100 -4.22 -15.75 -6.52
N LYS A 101 -4.78 -15.00 -7.46
CA LYS A 101 -3.96 -14.32 -8.45
C LYS A 101 -3.00 -13.31 -7.83
N SER A 102 -3.49 -12.56 -6.86
CA SER A 102 -2.67 -11.55 -6.18
C SER A 102 -1.54 -12.16 -5.37
N MET A 103 -1.81 -13.27 -4.69
CA MET A 103 -0.76 -13.89 -3.89
C MET A 103 0.28 -14.51 -4.78
N ILE A 104 -0.14 -15.05 -5.93
CA ILE A 104 0.82 -15.62 -6.86
C ILE A 104 1.72 -14.49 -7.37
N LYS A 105 1.11 -13.38 -7.75
CA LYS A 105 1.88 -12.23 -8.25
C LYS A 105 2.82 -11.67 -7.18
N ALA A 106 2.38 -11.66 -5.93
CA ALA A 106 3.19 -11.14 -4.82
C ALA A 106 4.40 -12.02 -4.52
N GLY A 107 4.40 -13.24 -5.07
CA GLY A 107 5.54 -14.13 -4.89
C GLY A 107 5.36 -15.40 -4.07
N ALA A 108 4.14 -15.68 -3.61
CA ALA A 108 3.91 -16.88 -2.80
C ALA A 108 4.00 -18.18 -3.57
N ALA A 109 4.26 -19.27 -2.85
CA ALA A 109 4.38 -20.59 -3.45
C ALA A 109 3.09 -21.38 -3.33
N GLY A 110 2.26 -20.99 -2.37
CA GLY A 110 0.99 -21.67 -2.19
C GLY A 110 0.20 -21.00 -1.09
N LEU A 111 -1.03 -21.47 -0.89
CA LEU A 111 -1.88 -20.91 0.14
C LEU A 111 -2.88 -21.97 0.60
N HIS A 112 -3.47 -21.74 1.77
CA HIS A 112 -4.52 -22.65 2.20
C HIS A 112 -5.76 -21.82 2.52
N ILE A 113 -6.91 -22.39 2.21
CA ILE A 113 -8.20 -21.76 2.50
C ILE A 113 -8.93 -22.76 3.38
N GLU A 114 -9.69 -22.26 4.35
CA GLU A 114 -10.41 -23.14 5.29
C GLU A 114 -11.92 -23.10 5.10
N ASP A 115 -12.62 -24.00 5.78
CA ASP A 115 -14.07 -24.09 5.66
C ASP A 115 -14.88 -23.38 6.75
N GLN A 116 -14.27 -22.40 7.40
CA GLN A 116 -14.98 -21.66 8.43
C GLN A 116 -15.90 -20.59 7.84
N VAL A 117 -16.84 -20.10 8.65
CA VAL A 117 -17.77 -19.08 8.21
C VAL A 117 -17.19 -17.70 8.52
N GLY A 118 -17.34 -16.78 7.57
CA GLY A 118 -16.88 -15.40 7.67
C GLY A 118 -15.84 -14.98 8.70
N ALA A 119 -16.31 -14.53 9.86
CA ALA A 119 -15.39 -14.10 10.92
C ALA A 119 -14.80 -15.35 11.57
N LYS A 120 -13.76 -15.89 10.94
CA LYS A 120 -13.12 -17.09 11.45
C LYS A 120 -12.30 -16.87 12.70
N ARG A 121 -11.93 -17.96 13.36
CA ARG A 121 -11.10 -17.88 14.57
C ARG A 121 -10.05 -18.98 14.49
N SER A 122 -9.12 -18.97 15.45
CA SER A 122 -8.07 -19.98 15.50
C SER A 122 -8.67 -21.37 15.58
N GLY A 123 -8.05 -22.34 14.93
CA GLY A 123 -8.57 -23.69 14.93
C GLY A 123 -8.50 -24.33 16.31
N HIS A 124 -7.77 -23.67 17.22
CA HIS A 124 -7.59 -24.18 18.57
C HIS A 124 -8.49 -23.48 19.59
N ARG A 125 -9.45 -22.72 19.08
CA ARG A 125 -10.41 -22.02 19.93
C ARG A 125 -11.75 -22.75 19.82
N PRO A 126 -12.59 -22.63 20.85
CA PRO A 126 -13.90 -23.30 20.84
C PRO A 126 -14.96 -22.51 20.08
N ASN A 127 -16.10 -23.17 19.85
CA ASN A 127 -17.24 -22.58 19.16
C ASN A 127 -16.99 -22.06 17.75
N LYS A 128 -16.32 -22.84 16.92
CA LYS A 128 -16.12 -22.39 15.56
C LYS A 128 -17.28 -22.90 14.71
N ALA A 129 -17.56 -22.19 13.63
CA ALA A 129 -18.65 -22.57 12.74
C ALA A 129 -18.09 -22.77 11.36
N ILE A 130 -18.55 -23.81 10.68
CA ILE A 130 -18.07 -24.08 9.33
C ILE A 130 -19.19 -24.08 8.31
N VAL A 131 -18.84 -23.75 7.07
CA VAL A 131 -19.82 -23.71 6.00
C VAL A 131 -20.12 -25.12 5.51
N SER A 132 -21.15 -25.25 4.70
CA SER A 132 -21.53 -26.55 4.17
C SER A 132 -20.41 -27.12 3.32
N LYS A 133 -20.43 -28.43 3.11
CA LYS A 133 -19.41 -29.08 2.30
C LYS A 133 -19.44 -28.50 0.90
N GLU A 134 -20.65 -28.33 0.35
CA GLU A 134 -20.82 -27.77 -0.98
C GLU A 134 -20.22 -26.37 -1.10
N GLU A 135 -20.40 -25.57 -0.06
CA GLU A 135 -19.88 -24.20 -0.06
C GLU A 135 -18.36 -24.18 -0.14
N MET A 136 -17.72 -25.05 0.63
CA MET A 136 -16.27 -25.11 0.63
C MET A 136 -15.78 -25.66 -0.71
N VAL A 137 -16.50 -26.64 -1.25
CA VAL A 137 -16.12 -27.19 -2.54
C VAL A 137 -16.10 -26.06 -3.58
N ASP A 138 -17.06 -25.15 -3.49
CA ASP A 138 -17.10 -24.04 -4.44
C ASP A 138 -15.93 -23.08 -4.21
N ARG A 139 -15.52 -22.91 -2.96
CA ARG A 139 -14.38 -22.03 -2.68
C ARG A 139 -13.15 -22.64 -3.33
N ILE A 140 -12.97 -23.94 -3.11
CA ILE A 140 -11.84 -24.67 -3.66
C ILE A 140 -11.80 -24.65 -5.19
N ARG A 141 -12.93 -24.91 -5.83
CA ARG A 141 -13.00 -24.90 -7.29
C ARG A 141 -12.61 -23.53 -7.82
N ALA A 142 -13.09 -22.48 -7.18
CA ALA A 142 -12.77 -21.12 -7.59
C ALA A 142 -11.28 -20.84 -7.47
N ALA A 143 -10.67 -21.33 -6.39
CA ALA A 143 -9.25 -21.12 -6.16
C ALA A 143 -8.38 -21.84 -7.18
N VAL A 144 -8.71 -23.10 -7.44
CA VAL A 144 -7.92 -23.86 -8.40
C VAL A 144 -8.03 -23.26 -9.79
N ASP A 145 -9.24 -22.88 -10.18
CA ASP A 145 -9.48 -22.29 -11.49
C ASP A 145 -8.76 -20.96 -11.69
N ALA A 146 -8.45 -20.28 -10.59
CA ALA A 146 -7.79 -18.98 -10.67
C ALA A 146 -6.27 -19.05 -10.77
N LYS A 147 -5.70 -20.24 -10.57
CA LYS A 147 -4.25 -20.38 -10.64
C LYS A 147 -3.68 -19.90 -11.95
N THR A 148 -2.73 -18.97 -11.87
CA THR A 148 -2.06 -18.43 -13.06
C THR A 148 -0.72 -19.13 -13.25
N ASP A 149 -0.30 -19.86 -12.21
CA ASP A 149 0.94 -20.63 -12.22
C ASP A 149 0.45 -22.03 -11.83
N PRO A 150 0.52 -22.99 -12.75
CA PRO A 150 0.08 -24.36 -12.48
C PRO A 150 0.74 -25.05 -11.29
N ASP A 151 1.94 -24.62 -10.93
CA ASP A 151 2.65 -25.23 -9.81
C ASP A 151 2.34 -24.57 -8.46
N PHE A 152 1.58 -23.48 -8.49
CA PHE A 152 1.20 -22.82 -7.23
C PHE A 152 0.35 -23.88 -6.52
N VAL A 153 0.49 -23.98 -5.20
CA VAL A 153 -0.25 -24.98 -4.45
C VAL A 153 -1.52 -24.47 -3.79
N ILE A 154 -2.62 -25.17 -4.01
CA ILE A 154 -3.89 -24.83 -3.37
C ILE A 154 -4.17 -25.93 -2.33
N MET A 155 -4.05 -25.56 -1.06
CA MET A 155 -4.26 -26.47 0.06
C MET A 155 -5.59 -26.16 0.72
N ALA A 156 -6.31 -27.19 1.13
CA ALA A 156 -7.59 -27.01 1.81
C ALA A 156 -7.40 -27.38 3.27
N ARG A 157 -7.91 -26.53 4.16
CA ARG A 157 -7.85 -26.78 5.59
C ARG A 157 -9.26 -27.02 6.09
N THR A 158 -9.45 -28.02 6.94
CA THR A 158 -10.77 -28.24 7.49
C THR A 158 -10.74 -28.09 9.01
N ASP A 159 -11.71 -27.35 9.52
CA ASP A 159 -11.85 -27.12 10.95
C ASP A 159 -13.01 -27.94 11.49
N ALA A 160 -13.44 -28.93 10.72
CA ALA A 160 -14.59 -29.77 11.07
C ALA A 160 -14.43 -30.79 12.19
N LEU A 161 -13.21 -31.19 12.53
CA LEU A 161 -13.06 -32.20 13.59
C LEU A 161 -13.78 -31.82 14.90
N ALA A 162 -13.42 -30.68 15.47
CA ALA A 162 -14.03 -30.22 16.71
C ALA A 162 -15.51 -29.90 16.58
N VAL A 163 -15.98 -29.71 15.36
CA VAL A 163 -17.38 -29.35 15.13
C VAL A 163 -18.30 -30.51 14.76
N GLU A 164 -17.87 -31.36 13.83
CA GLU A 164 -18.70 -32.47 13.39
C GLU A 164 -18.15 -33.88 13.67
N GLY A 165 -16.94 -33.95 14.20
CA GLY A 165 -16.36 -35.25 14.49
C GLY A 165 -15.40 -35.72 13.41
N LEU A 166 -14.64 -36.76 13.71
CA LEU A 166 -13.65 -37.28 12.79
C LEU A 166 -14.17 -37.81 11.46
N ASP A 167 -15.18 -38.68 11.48
CA ASP A 167 -15.68 -39.22 10.22
C ASP A 167 -16.22 -38.12 9.30
N ALA A 168 -16.93 -37.16 9.87
CA ALA A 168 -17.48 -36.06 9.07
C ALA A 168 -16.35 -35.25 8.46
N ALA A 169 -15.29 -35.05 9.24
CA ALA A 169 -14.13 -34.28 8.77
C ALA A 169 -13.40 -35.01 7.66
N ILE A 170 -13.27 -36.32 7.77
CA ILE A 170 -12.60 -37.09 6.74
C ILE A 170 -13.43 -37.05 5.44
N GLU A 171 -14.75 -37.12 5.59
CA GLU A 171 -15.65 -37.07 4.44
C GLU A 171 -15.53 -35.73 3.72
N ARG A 172 -15.45 -34.64 4.49
CA ARG A 172 -15.30 -33.31 3.91
C ARG A 172 -13.96 -33.25 3.17
N ALA A 173 -12.91 -33.74 3.83
CA ALA A 173 -11.58 -33.75 3.25
C ALA A 173 -11.57 -34.45 1.89
N GLN A 174 -12.21 -35.60 1.81
CA GLN A 174 -12.25 -36.31 0.53
C GLN A 174 -12.95 -35.48 -0.52
N ALA A 175 -14.03 -34.81 -0.13
CA ALA A 175 -14.77 -33.99 -1.08
C ALA A 175 -13.92 -32.79 -1.51
N TYR A 176 -13.16 -32.24 -0.58
CA TYR A 176 -12.32 -31.08 -0.90
C TYR A 176 -11.22 -31.49 -1.89
N VAL A 177 -10.67 -32.69 -1.72
CA VAL A 177 -9.62 -33.15 -2.62
C VAL A 177 -10.21 -33.50 -3.98
N GLU A 178 -11.42 -34.05 -3.98
CA GLU A 178 -12.08 -34.37 -5.25
C GLU A 178 -12.37 -33.07 -5.99
N ALA A 179 -12.59 -31.99 -5.24
CA ALA A 179 -12.90 -30.69 -5.80
C ALA A 179 -11.66 -29.99 -6.35
N GLY A 180 -10.49 -30.57 -6.12
CA GLY A 180 -9.26 -29.98 -6.63
C GLY A 180 -8.19 -29.62 -5.60
N ALA A 181 -8.48 -29.71 -4.31
CA ALA A 181 -7.47 -29.38 -3.30
C ALA A 181 -6.27 -30.29 -3.54
N GLU A 182 -5.08 -29.69 -3.60
CA GLU A 182 -3.86 -30.44 -3.88
C GLU A 182 -3.14 -31.01 -2.66
N MET A 183 -3.45 -30.46 -1.50
CA MET A 183 -2.87 -30.90 -0.22
C MET A 183 -3.95 -30.65 0.81
N LEU A 184 -3.85 -31.33 1.95
CA LEU A 184 -4.85 -31.19 3.00
C LEU A 184 -4.26 -30.81 4.35
N PHE A 185 -4.96 -29.93 5.04
CA PHE A 185 -4.57 -29.41 6.34
C PHE A 185 -5.69 -29.70 7.33
N PRO A 186 -5.64 -30.87 8.02
CA PRO A 186 -6.68 -31.19 9.00
C PRO A 186 -6.23 -30.47 10.28
N GLU A 187 -6.97 -29.43 10.65
CA GLU A 187 -6.63 -28.61 11.80
C GLU A 187 -6.96 -29.18 13.18
N ALA A 188 -6.12 -28.84 14.14
CA ALA A 188 -6.28 -29.22 15.55
C ALA A 188 -6.55 -30.70 15.82
N ILE A 189 -5.74 -31.56 15.21
CA ILE A 189 -5.84 -33.01 15.41
C ILE A 189 -5.36 -33.31 16.83
N THR A 190 -6.09 -34.18 17.52
CA THR A 190 -5.74 -34.51 18.90
C THR A 190 -4.99 -35.82 19.12
N GLU A 191 -5.04 -36.72 18.16
CA GLU A 191 -4.37 -38.01 18.26
C GLU A 191 -3.61 -38.30 16.97
N LEU A 192 -2.40 -38.85 17.12
CA LEU A 192 -1.53 -39.15 15.98
C LEU A 192 -2.20 -40.06 14.95
N ALA A 193 -2.99 -41.02 15.44
CA ALA A 193 -3.69 -41.97 14.59
C ALA A 193 -4.62 -41.28 13.61
N MET A 194 -5.13 -40.11 13.98
CA MET A 194 -6.03 -39.36 13.11
C MET A 194 -5.31 -38.89 11.85
N TYR A 195 -4.04 -38.50 11.97
CA TYR A 195 -3.31 -38.04 10.80
C TYR A 195 -3.18 -39.18 9.80
N ARG A 196 -2.93 -40.38 10.31
CA ARG A 196 -2.82 -41.54 9.44
C ARG A 196 -4.14 -41.81 8.75
N GLN A 197 -5.26 -41.67 9.47
CA GLN A 197 -6.57 -41.89 8.87
C GLN A 197 -6.84 -40.89 7.74
N PHE A 198 -6.44 -39.63 7.95
CA PHE A 198 -6.63 -38.60 6.93
C PHE A 198 -5.75 -38.92 5.71
N ALA A 199 -4.48 -39.20 5.98
CA ALA A 199 -3.53 -39.51 4.91
C ALA A 199 -3.99 -40.64 4.01
N ASP A 200 -4.47 -41.73 4.60
CA ASP A 200 -4.94 -42.87 3.82
C ASP A 200 -6.21 -42.55 3.04
N ALA A 201 -7.06 -41.70 3.60
CA ALA A 201 -8.34 -41.34 2.98
C ALA A 201 -8.28 -40.40 1.79
N VAL A 202 -7.38 -39.42 1.79
CA VAL A 202 -7.31 -38.48 0.67
C VAL A 202 -6.19 -38.71 -0.31
N GLN A 203 -5.13 -39.38 0.13
CA GLN A 203 -4.00 -39.68 -0.72
C GLN A 203 -3.30 -38.51 -1.42
N VAL A 204 -3.23 -37.39 -0.71
CA VAL A 204 -2.50 -36.19 -1.17
C VAL A 204 -1.72 -35.79 0.07
N PRO A 205 -0.68 -34.97 -0.08
CA PRO A 205 0.12 -34.55 1.09
C PRO A 205 -0.70 -33.95 2.23
N ILE A 206 -0.41 -34.40 3.44
CA ILE A 206 -1.08 -33.95 4.65
C ILE A 206 -0.17 -33.05 5.49
N LEU A 207 -0.73 -31.94 5.97
CA LEU A 207 0.04 -31.02 6.81
C LEU A 207 -0.45 -31.11 8.25
N ALA A 208 0.48 -31.21 9.19
CA ALA A 208 0.17 -31.26 10.62
C ALA A 208 0.56 -29.91 11.21
N ASN A 209 -0.38 -29.24 11.85
CA ASN A 209 -0.15 -27.93 12.46
C ASN A 209 0.31 -28.11 13.91
N ILE A 210 1.63 -28.13 14.11
CA ILE A 210 2.16 -28.32 15.45
C ILE A 210 2.36 -26.98 16.16
N THR A 211 1.25 -26.30 16.43
CA THR A 211 1.32 -25.01 17.11
C THR A 211 1.24 -25.27 18.62
N GLU A 212 1.81 -24.37 19.40
CA GLU A 212 1.84 -24.52 20.86
C GLU A 212 0.57 -24.06 21.58
N PHE A 213 0.39 -24.58 22.78
CA PHE A 213 -0.72 -24.19 23.64
C PHE A 213 -2.11 -24.36 23.04
N GLY A 214 -2.30 -25.45 22.28
CA GLY A 214 -3.57 -25.71 21.67
C GLY A 214 -4.09 -27.11 21.99
N ALA A 215 -4.84 -27.68 21.05
CA ALA A 215 -5.41 -29.01 21.23
C ALA A 215 -4.50 -30.12 20.72
N THR A 216 -3.44 -29.76 20.03
CA THR A 216 -2.54 -30.74 19.45
C THR A 216 -1.27 -30.98 20.27
N PRO A 217 -0.92 -32.26 20.51
CA PRO A 217 0.30 -32.58 21.27
C PRO A 217 1.49 -32.12 20.44
N LEU A 218 2.65 -31.94 21.09
CA LEU A 218 3.84 -31.54 20.37
C LEU A 218 4.51 -32.77 19.76
N PHE A 219 3.95 -33.24 18.65
CA PHE A 219 4.47 -34.41 17.95
C PHE A 219 5.83 -34.13 17.32
N THR A 220 6.73 -35.12 17.37
CA THR A 220 8.06 -35.00 16.81
C THR A 220 7.98 -35.35 15.33
N THR A 221 9.03 -35.01 14.60
CA THR A 221 9.05 -35.30 13.17
C THR A 221 9.05 -36.81 12.96
N ASP A 222 9.61 -37.57 13.91
CA ASP A 222 9.62 -39.02 13.80
C ASP A 222 8.20 -39.56 13.93
N GLU A 223 7.46 -39.06 14.91
CA GLU A 223 6.09 -39.51 15.10
C GLU A 223 5.24 -39.14 13.88
N LEU A 224 5.42 -37.92 13.39
CA LEU A 224 4.66 -37.46 12.24
C LEU A 224 4.98 -38.32 11.02
N ARG A 225 6.25 -38.66 10.82
CA ARG A 225 6.62 -39.48 9.68
C ARG A 225 5.94 -40.86 9.76
N SER A 226 5.80 -41.41 10.96
CA SER A 226 5.17 -42.71 11.14
C SER A 226 3.68 -42.70 10.77
N ALA A 227 3.08 -41.51 10.79
CA ALA A 227 1.66 -41.37 10.46
C ALA A 227 1.49 -40.88 9.02
N HIS A 228 2.60 -40.84 8.29
CA HIS A 228 2.62 -40.42 6.89
C HIS A 228 2.22 -38.96 6.67
N VAL A 229 2.57 -38.08 7.59
CA VAL A 229 2.25 -36.67 7.39
C VAL A 229 3.38 -36.13 6.52
N ALA A 230 3.02 -35.36 5.49
CA ALA A 230 4.00 -34.82 4.55
C ALA A 230 4.73 -33.57 5.02
N MET A 231 4.08 -32.76 5.85
CA MET A 231 4.73 -31.56 6.35
C MET A 231 4.34 -31.22 7.77
N ALA A 232 5.33 -30.69 8.51
CA ALA A 232 5.16 -30.30 9.89
C ALA A 232 5.27 -28.79 9.93
N LEU A 233 4.19 -28.13 10.34
CA LEU A 233 4.14 -26.67 10.38
C LEU A 233 4.26 -26.15 11.81
N TYR A 234 5.09 -25.13 12.01
CA TYR A 234 5.29 -24.50 13.32
C TYR A 234 4.99 -23.04 12.97
N PRO A 235 3.70 -22.69 12.94
CA PRO A 235 3.18 -21.36 12.60
C PRO A 235 3.60 -20.12 13.33
N LEU A 236 3.70 -20.17 14.65
CA LEU A 236 4.05 -18.99 15.44
C LEU A 236 5.16 -19.18 16.48
N SER A 237 5.83 -20.33 16.42
CA SER A 237 6.87 -20.66 17.40
C SER A 237 7.90 -19.56 17.66
N ALA A 238 8.54 -19.07 16.61
CA ALA A 238 9.54 -18.03 16.78
C ALA A 238 8.90 -16.74 17.31
N PHE A 239 7.72 -16.41 16.79
CA PHE A 239 6.99 -15.22 17.20
C PHE A 239 6.78 -15.25 18.72
N ARG A 240 6.34 -16.40 19.23
CA ARG A 240 6.09 -16.48 20.68
C ARG A 240 7.34 -16.20 21.48
N ALA A 241 8.47 -16.77 21.07
CA ALA A 241 9.72 -16.54 21.80
C ALA A 241 10.18 -15.09 21.65
N MET A 242 10.00 -14.53 20.47
CA MET A 242 10.40 -13.14 20.23
C MET A 242 9.62 -12.17 21.12
N ASN A 243 8.34 -12.45 21.34
CA ASN A 243 7.52 -11.56 22.16
C ASN A 243 7.93 -11.58 23.62
N ARG A 244 8.26 -12.76 24.14
CA ARG A 244 8.70 -12.85 25.53
C ARG A 244 10.01 -12.11 25.71
N ALA A 245 10.91 -12.26 24.74
CA ALA A 245 12.21 -11.59 24.81
C ALA A 245 12.08 -10.07 24.73
N ALA A 246 11.16 -9.59 23.90
CA ALA A 246 10.95 -8.15 23.75
C ALA A 246 10.31 -7.60 25.04
N GLU A 247 9.33 -8.33 25.56
CA GLU A 247 8.65 -7.96 26.80
C GLU A 247 9.67 -7.85 27.93
N HIS A 248 10.61 -8.79 27.96
CA HIS A 248 11.65 -8.80 29.00
C HIS A 248 12.53 -7.55 28.92
N VAL A 249 12.94 -7.20 27.70
CA VAL A 249 13.76 -6.00 27.52
C VAL A 249 12.97 -4.77 27.97
N TYR A 250 11.72 -4.67 27.54
CA TYR A 250 10.92 -3.50 27.92
C TYR A 250 10.81 -3.36 29.44
N ASN A 251 10.47 -4.45 30.13
CA ASN A 251 10.35 -4.38 31.58
C ASN A 251 11.66 -4.04 32.29
N VAL A 252 12.76 -4.71 31.94
CA VAL A 252 14.05 -4.44 32.58
C VAL A 252 14.46 -2.97 32.40
N LEU A 253 14.37 -2.48 31.17
CA LEU A 253 14.74 -1.11 30.86
C LEU A 253 13.91 -0.11 31.65
N ARG A 254 12.64 -0.43 31.85
CA ARG A 254 11.74 0.44 32.58
C ARG A 254 12.04 0.43 34.08
N GLN A 255 12.31 -0.76 34.61
CA GLN A 255 12.60 -0.92 36.04
C GLN A 255 14.03 -0.51 36.44
N GLU A 256 15.00 -0.77 35.57
CA GLU A 256 16.39 -0.45 35.87
C GLU A 256 16.94 0.86 35.30
N GLY A 257 16.25 1.44 34.31
CA GLY A 257 16.73 2.68 33.74
C GLY A 257 17.95 2.49 32.84
N THR A 258 18.14 1.24 32.41
CA THR A 258 19.24 0.88 31.52
C THR A 258 19.06 -0.56 31.05
N GLN A 259 19.60 -0.89 29.88
CA GLN A 259 19.46 -2.24 29.36
C GLN A 259 20.70 -3.11 29.57
N LYS A 260 21.66 -2.58 30.33
CA LYS A 260 22.89 -3.32 30.59
C LYS A 260 22.70 -4.77 31.00
N SER A 261 21.72 -5.05 31.85
CA SER A 261 21.52 -6.42 32.34
C SER A 261 20.88 -7.42 31.38
N VAL A 262 20.50 -6.96 30.18
CA VAL A 262 19.90 -7.86 29.21
C VAL A 262 20.64 -7.84 27.87
N ILE A 263 21.82 -7.22 27.87
CA ILE A 263 22.65 -7.16 26.67
C ILE A 263 22.98 -8.58 26.22
N ASP A 264 23.19 -9.47 27.19
CA ASP A 264 23.55 -10.85 26.93
C ASP A 264 22.47 -11.63 26.18
N THR A 265 21.25 -11.11 26.17
CA THR A 265 20.13 -11.78 25.50
C THR A 265 19.90 -11.24 24.09
N MET A 266 20.72 -10.27 23.69
CA MET A 266 20.55 -9.64 22.38
C MET A 266 21.43 -10.14 21.23
N GLN A 267 20.82 -10.19 20.05
CA GLN A 267 21.54 -10.54 18.84
C GLN A 267 22.53 -9.38 18.72
N THR A 268 23.79 -9.66 18.41
CA THR A 268 24.75 -8.56 18.27
C THR A 268 24.54 -7.81 16.96
N ARG A 269 25.12 -6.62 16.87
CA ARG A 269 25.01 -5.82 15.65
C ARG A 269 25.59 -6.64 14.50
N ASN A 270 26.76 -7.24 14.71
CA ASN A 270 27.38 -8.03 13.66
C ASN A 270 26.52 -9.22 13.21
N GLU A 271 25.84 -9.86 14.15
CA GLU A 271 24.99 -10.99 13.80
C GLU A 271 23.84 -10.46 12.92
N LEU A 272 23.32 -9.29 13.26
CA LEU A 272 22.24 -8.71 12.46
C LEU A 272 22.75 -8.43 11.05
N TYR A 273 23.92 -7.79 10.98
CA TYR A 273 24.51 -7.43 9.70
C TYR A 273 24.80 -8.65 8.84
N GLU A 274 25.28 -9.70 9.47
CA GLU A 274 25.57 -10.95 8.78
C GLU A 274 24.26 -11.49 8.18
N SER A 275 23.19 -11.44 8.96
CA SER A 275 21.87 -11.92 8.55
C SER A 275 21.30 -11.23 7.31
N ILE A 276 21.52 -9.93 7.19
CA ILE A 276 21.01 -9.16 6.05
C ILE A 276 22.05 -8.81 4.98
N ASN A 277 23.24 -9.41 5.07
CA ASN A 277 24.31 -9.19 4.09
C ASN A 277 24.73 -7.72 4.06
N TYR A 278 24.76 -7.09 5.22
CA TYR A 278 25.09 -5.67 5.33
C TYR A 278 26.42 -5.22 4.78
N TYR A 279 27.49 -5.92 5.12
CA TYR A 279 28.82 -5.50 4.68
C TYR A 279 29.01 -5.41 3.18
N GLN A 280 28.43 -6.33 2.43
CA GLN A 280 28.56 -6.28 0.99
C GLN A 280 27.94 -5.00 0.42
N TYR A 281 26.81 -4.58 0.99
CA TYR A 281 26.15 -3.37 0.54
C TYR A 281 26.98 -2.14 0.91
N GLU A 282 27.38 -2.02 2.17
CA GLU A 282 28.15 -0.85 2.59
C GLU A 282 29.45 -0.69 1.80
N GLU A 283 30.10 -1.81 1.48
CA GLU A 283 31.34 -1.76 0.72
C GLU A 283 31.08 -1.12 -0.64
N LYS A 284 29.99 -1.50 -1.29
CA LYS A 284 29.66 -0.91 -2.58
C LYS A 284 29.55 0.61 -2.48
N LEU A 285 28.88 1.09 -1.44
CA LEU A 285 28.74 2.53 -1.23
C LEU A 285 30.09 3.19 -1.02
N ASP A 286 30.93 2.57 -0.19
CA ASP A 286 32.25 3.10 0.07
C ASP A 286 33.10 3.23 -1.18
N ASN A 287 32.87 2.35 -2.16
CA ASN A 287 33.63 2.39 -3.41
C ASN A 287 33.05 3.39 -4.41
N LEU B 2 -10.13 17.47 18.34
CA LEU B 2 -9.40 16.31 17.74
C LEU B 2 -8.05 16.10 18.41
N HIS B 3 -7.79 14.87 18.82
CA HIS B 3 -6.54 14.51 19.49
C HIS B 3 -5.30 14.71 18.61
N SER B 4 -4.27 15.32 19.18
CA SER B 4 -3.01 15.56 18.49
C SER B 4 -1.91 14.74 19.13
N PRO B 5 -1.34 13.76 18.39
CA PRO B 5 -0.28 12.93 18.94
C PRO B 5 0.92 13.78 19.36
N GLY B 6 1.21 14.80 18.56
CA GLY B 6 2.33 15.69 18.88
C GLY B 6 2.13 16.36 20.23
N LYS B 7 0.89 16.76 20.51
CA LYS B 7 0.58 17.39 21.78
C LYS B 7 0.83 16.39 22.92
N ALA B 8 0.44 15.13 22.70
CA ALA B 8 0.63 14.09 23.71
C ALA B 8 2.13 13.82 23.94
N PHE B 9 2.92 13.92 22.89
CA PHE B 9 4.35 13.70 23.00
C PHE B 9 5.00 14.80 23.86
N ARG B 10 4.63 16.05 23.57
CA ARG B 10 5.17 17.18 24.32
C ARG B 10 4.77 17.06 25.79
N ALA B 11 3.57 16.54 26.02
CA ALA B 11 3.07 16.37 27.39
C ALA B 11 3.88 15.30 28.11
N ALA B 12 4.21 14.23 27.41
CA ALA B 12 4.99 13.15 28.01
C ALA B 12 6.34 13.67 28.48
N LEU B 13 6.91 14.60 27.72
CA LEU B 13 8.21 15.18 28.05
C LEU B 13 8.16 15.90 29.41
N THR B 14 7.01 16.52 29.67
CA THR B 14 6.79 17.27 30.90
C THR B 14 6.61 16.40 32.14
N LYS B 15 6.21 15.15 31.95
CA LYS B 15 5.97 14.25 33.09
C LYS B 15 7.11 13.28 33.40
N GLU B 16 8.06 13.16 32.49
CA GLU B 16 9.17 12.24 32.69
C GLU B 16 10.44 12.86 32.15
N ASN B 17 11.50 12.84 32.96
CA ASN B 17 12.76 13.44 32.53
C ASN B 17 13.98 12.72 33.11
N PRO B 18 14.77 12.06 32.24
CA PRO B 18 14.52 12.01 30.79
C PRO B 18 13.37 11.07 30.45
N LEU B 19 12.66 11.38 29.36
CA LEU B 19 11.54 10.57 28.90
C LEU B 19 12.11 9.34 28.20
N GLN B 20 11.78 8.14 28.67
CA GLN B 20 12.27 6.94 28.02
C GLN B 20 11.39 6.65 26.81
N ILE B 21 12.02 6.48 25.65
CA ILE B 21 11.29 6.19 24.42
C ILE B 21 11.88 4.92 23.85
N VAL B 22 11.03 3.90 23.67
CA VAL B 22 11.51 2.63 23.13
C VAL B 22 11.04 2.34 21.70
N GLY B 23 11.96 1.79 20.91
CA GLY B 23 11.61 1.44 19.54
C GLY B 23 10.65 0.26 19.61
N THR B 24 9.67 0.26 18.71
CA THR B 24 8.67 -0.80 18.63
C THR B 24 8.70 -1.26 17.17
N ILE B 25 9.14 -2.50 16.95
CA ILE B 25 9.31 -3.01 15.59
C ILE B 25 8.02 -3.24 14.82
N ASN B 26 6.93 -3.47 15.55
CA ASN B 26 5.62 -3.70 14.95
C ASN B 26 4.53 -3.33 15.94
N ALA B 27 3.28 -3.40 15.48
CA ALA B 27 2.15 -3.03 16.33
C ALA B 27 2.07 -3.83 17.62
N ASN B 28 2.36 -5.12 17.54
CA ASN B 28 2.29 -5.97 18.73
C ASN B 28 3.22 -5.42 19.82
N HIS B 29 4.48 -5.18 19.45
CA HIS B 29 5.44 -4.67 20.41
C HIS B 29 5.09 -3.29 20.94
N ALA B 30 4.37 -2.49 20.16
CA ALA B 30 3.94 -1.17 20.63
C ALA B 30 2.98 -1.40 21.79
N LEU B 31 2.12 -2.41 21.67
CA LEU B 31 1.18 -2.74 22.74
C LEU B 31 1.92 -3.25 23.98
N LEU B 32 3.00 -4.02 23.77
CA LEU B 32 3.77 -4.53 24.91
C LEU B 32 4.49 -3.38 25.61
N ALA B 33 4.97 -2.41 24.82
CA ALA B 33 5.66 -1.26 25.39
C ALA B 33 4.66 -0.44 26.19
N GLN B 34 3.44 -0.32 25.69
CA GLN B 34 2.42 0.44 26.38
C GLN B 34 2.06 -0.25 27.71
N ARG B 35 1.94 -1.57 27.66
CA ARG B 35 1.63 -2.33 28.86
C ARG B 35 2.78 -2.29 29.87
N ALA B 36 4.00 -2.07 29.38
CA ALA B 36 5.18 -1.98 30.26
C ALA B 36 5.27 -0.62 30.93
N GLY B 37 4.39 0.30 30.55
CA GLY B 37 4.37 1.61 31.16
C GLY B 37 4.98 2.79 30.43
N TYR B 38 5.54 2.56 29.24
CA TYR B 38 6.15 3.65 28.49
C TYR B 38 5.16 4.72 28.05
N GLN B 39 5.63 5.95 27.95
CA GLN B 39 4.77 7.07 27.58
C GLN B 39 4.94 7.54 26.15
N ALA B 40 5.92 6.96 25.46
CA ALA B 40 6.19 7.32 24.07
C ALA B 40 6.96 6.19 23.43
N ILE B 41 6.77 6.03 22.12
CA ILE B 41 7.44 4.97 21.38
C ILE B 41 8.12 5.52 20.13
N TYR B 42 8.92 4.66 19.50
CA TYR B 42 9.72 5.06 18.36
C TYR B 42 9.67 4.07 17.21
N LEU B 43 9.63 4.58 15.98
CA LEU B 43 9.67 3.72 14.80
C LEU B 43 11.06 3.94 14.18
N SER B 44 11.94 2.97 14.41
CA SER B 44 13.33 3.00 13.92
C SER B 44 13.45 2.79 12.42
N GLY B 45 14.25 3.62 11.76
CA GLY B 45 14.46 3.47 10.33
C GLY B 45 15.28 2.23 10.08
N GLY B 46 16.22 1.97 10.98
CA GLY B 46 17.06 0.79 10.86
C GLY B 46 16.22 -0.46 11.07
N GLY B 47 15.15 -0.33 11.86
CA GLY B 47 14.25 -1.45 12.11
C GLY B 47 13.30 -1.68 10.94
N VAL B 48 12.84 -0.62 10.29
CA VAL B 48 11.96 -0.80 9.13
C VAL B 48 12.81 -1.52 8.08
N ALA B 49 14.03 -1.04 7.89
CA ALA B 49 14.90 -1.67 6.91
C ALA B 49 15.27 -3.11 7.24
N ALA B 50 15.96 -3.31 8.37
CA ALA B 50 16.41 -4.65 8.74
C ALA B 50 15.33 -5.63 9.18
N GLY B 51 14.27 -5.11 9.81
CA GLY B 51 13.20 -5.96 10.29
C GLY B 51 12.07 -6.16 9.30
N SER B 52 11.38 -5.09 8.94
CA SER B 52 10.27 -5.20 8.00
C SER B 52 10.69 -5.57 6.59
N LEU B 53 11.87 -5.11 6.15
CA LEU B 53 12.32 -5.41 4.79
C LEU B 53 13.45 -6.42 4.69
N GLY B 54 14.14 -6.68 5.80
CA GLY B 54 15.26 -7.61 5.77
C GLY B 54 16.42 -7.04 4.96
N LEU B 55 16.54 -5.71 4.96
CA LEU B 55 17.59 -5.03 4.19
C LEU B 55 18.46 -4.10 5.03
N PRO B 56 19.67 -3.77 4.53
CA PRO B 56 20.58 -2.88 5.25
C PRO B 56 19.95 -1.49 5.42
N ASP B 57 20.32 -0.80 6.50
CA ASP B 57 19.85 0.55 6.80
C ASP B 57 20.75 1.49 5.98
N LEU B 58 20.54 1.50 4.66
CA LEU B 58 21.35 2.30 3.75
C LEU B 58 20.54 3.15 2.77
N GLY B 59 19.40 3.65 3.21
CA GLY B 59 18.57 4.48 2.35
C GLY B 59 17.86 3.72 1.25
N ILE B 60 17.58 2.44 1.49
CA ILE B 60 16.89 1.61 0.52
C ILE B 60 15.37 1.65 0.76
N SER B 61 14.97 1.77 2.02
CA SER B 61 13.56 1.84 2.38
C SER B 61 12.93 3.10 1.78
N THR B 62 11.63 3.05 1.50
CA THR B 62 10.94 4.19 0.92
C THR B 62 9.96 4.78 1.92
N LEU B 63 9.45 5.97 1.61
CA LEU B 63 8.50 6.61 2.49
C LEU B 63 7.32 5.70 2.77
N ASP B 64 6.83 5.01 1.75
CA ASP B 64 5.68 4.13 1.96
C ASP B 64 5.94 2.91 2.84
N ASP B 65 7.18 2.41 2.84
CA ASP B 65 7.51 1.26 3.71
C ASP B 65 7.29 1.74 5.15
N VAL B 66 7.73 2.96 5.43
CA VAL B 66 7.61 3.55 6.76
C VAL B 66 6.15 3.90 7.08
N LEU B 67 5.44 4.49 6.13
CA LEU B 67 4.02 4.85 6.36
C LEU B 67 3.22 3.61 6.71
N THR B 68 3.48 2.50 6.05
CA THR B 68 2.77 1.26 6.35
C THR B 68 2.93 0.88 7.84
N ASP B 69 4.16 0.92 8.35
CA ASP B 69 4.39 0.57 9.75
C ASP B 69 3.81 1.62 10.71
N ILE B 70 3.82 2.90 10.32
CA ILE B 70 3.24 3.96 11.16
C ILE B 70 1.74 3.70 11.37
N ARG B 71 1.02 3.43 10.27
CA ARG B 71 -0.42 3.19 10.38
C ARG B 71 -0.72 1.94 11.18
N ARG B 72 0.06 0.88 10.97
CA ARG B 72 -0.18 -0.33 11.73
C ARG B 72 -0.05 -0.12 13.23
N ILE B 73 1.01 0.59 13.63
CA ILE B 73 1.24 0.85 15.04
C ILE B 73 0.22 1.82 15.64
N THR B 74 0.04 2.99 15.03
CA THR B 74 -0.88 3.99 15.58
C THR B 74 -2.36 3.66 15.45
N ASP B 75 -2.70 2.71 14.58
CA ASP B 75 -4.11 2.31 14.44
C ASP B 75 -4.55 1.57 15.71
N VAL B 76 -3.61 0.91 16.39
CA VAL B 76 -3.96 0.12 17.57
C VAL B 76 -3.34 0.59 18.90
N CYS B 77 -2.28 1.37 18.84
CA CYS B 77 -1.63 1.85 20.06
C CYS B 77 -1.76 3.36 20.12
N SER B 78 -2.25 3.87 21.24
CA SER B 78 -2.48 5.31 21.41
C SER B 78 -1.31 6.16 21.89
N LEU B 79 -0.15 5.54 22.12
CA LEU B 79 1.02 6.29 22.58
C LEU B 79 1.61 7.10 21.43
N PRO B 80 2.12 8.31 21.73
CA PRO B 80 2.71 9.17 20.70
C PRO B 80 3.94 8.47 20.13
N LEU B 81 3.99 8.41 18.80
CA LEU B 81 5.08 7.73 18.10
C LEU B 81 6.01 8.71 17.39
N LEU B 82 7.29 8.64 17.74
CA LEU B 82 8.33 9.46 17.11
C LEU B 82 8.86 8.61 15.96
N VAL B 83 8.95 9.19 14.76
CA VAL B 83 9.40 8.44 13.59
C VAL B 83 10.72 8.90 12.97
N ASP B 84 11.54 7.92 12.59
CA ASP B 84 12.81 8.19 11.93
C ASP B 84 12.49 8.44 10.45
N ALA B 85 12.71 9.66 9.96
CA ALA B 85 12.40 9.95 8.57
C ALA B 85 13.63 10.12 7.68
N ASP B 86 14.75 9.59 8.14
CA ASP B 86 16.03 9.66 7.43
C ASP B 86 16.30 11.08 6.94
N ILE B 87 16.43 11.28 5.63
CA ILE B 87 16.68 12.61 5.11
C ILE B 87 15.48 13.24 4.42
N GLY B 88 14.31 12.64 4.59
CA GLY B 88 13.12 13.20 3.98
C GLY B 88 12.59 12.46 2.76
N PHE B 89 13.26 11.38 2.36
CA PHE B 89 12.83 10.55 1.24
C PHE B 89 12.66 11.26 -0.10
N GLY B 90 13.73 11.81 -0.62
CA GLY B 90 13.63 12.50 -1.89
C GLY B 90 14.71 13.53 -2.05
N SER B 91 14.89 14.00 -3.28
CA SER B 91 15.91 14.98 -3.61
C SER B 91 15.58 16.43 -3.28
N SER B 92 14.30 16.76 -3.13
CA SER B 92 13.93 18.15 -2.90
C SER B 92 13.04 18.46 -1.70
N ALA B 93 12.78 19.75 -1.52
CA ALA B 93 11.93 20.23 -0.44
C ALA B 93 10.51 19.71 -0.60
N PHE B 94 10.10 19.42 -1.84
CA PHE B 94 8.76 18.89 -2.08
C PHE B 94 8.64 17.51 -1.45
N ASN B 95 9.70 16.72 -1.53
CA ASN B 95 9.69 15.37 -0.96
C ASN B 95 9.68 15.46 0.56
N VAL B 96 10.44 16.40 1.12
CA VAL B 96 10.47 16.58 2.57
C VAL B 96 9.08 16.97 3.06
N ALA B 97 8.45 17.91 2.36
CA ALA B 97 7.12 18.36 2.75
C ALA B 97 6.10 17.24 2.64
N ARG B 98 6.15 16.47 1.56
CA ARG B 98 5.20 15.38 1.40
C ARG B 98 5.40 14.36 2.52
N THR B 99 6.65 14.10 2.87
CA THR B 99 6.96 13.17 3.96
C THR B 99 6.33 13.66 5.25
N VAL B 100 6.53 14.93 5.58
CA VAL B 100 5.95 15.48 6.79
C VAL B 100 4.43 15.36 6.81
N LYS B 101 3.76 15.82 5.75
CA LYS B 101 2.30 15.77 5.75
C LYS B 101 1.75 14.34 5.80
N SER B 102 2.40 13.41 5.10
CA SER B 102 1.97 12.01 5.09
C SER B 102 2.13 11.33 6.44
N MET B 103 3.23 11.64 7.14
CA MET B 103 3.46 11.03 8.44
C MET B 103 2.49 11.58 9.49
N ILE B 104 2.14 12.86 9.37
CA ILE B 104 1.18 13.45 10.29
C ILE B 104 -0.15 12.74 10.06
N LYS B 105 -0.55 12.62 8.79
CA LYS B 105 -1.81 11.97 8.46
C LYS B 105 -1.84 10.49 8.87
N ALA B 106 -0.69 9.81 8.80
CA ALA B 106 -0.63 8.40 9.16
C ALA B 106 -0.74 8.18 10.67
N GLY B 107 -0.62 9.27 11.44
CA GLY B 107 -0.75 9.17 12.89
C GLY B 107 0.48 9.40 13.75
N ALA B 108 1.60 9.81 13.15
CA ALA B 108 2.82 10.06 13.93
C ALA B 108 2.73 11.31 14.82
N ALA B 109 3.56 11.35 15.84
CA ALA B 109 3.59 12.48 16.78
C ALA B 109 4.73 13.43 16.43
N GLY B 110 5.72 12.92 15.71
CA GLY B 110 6.84 13.73 15.31
C GLY B 110 7.80 12.90 14.50
N LEU B 111 8.85 13.52 13.98
CA LEU B 111 9.84 12.82 13.19
C LEU B 111 11.17 13.54 13.31
N HIS B 112 12.24 12.85 12.97
CA HIS B 112 13.53 13.49 12.92
C HIS B 112 14.09 13.30 11.52
N ILE B 113 14.80 14.34 11.05
CA ILE B 113 15.45 14.35 9.75
C ILE B 113 16.91 14.61 10.06
N GLU B 114 17.81 13.96 9.33
CA GLU B 114 19.24 14.11 9.59
C GLU B 114 19.97 14.85 8.49
N ASP B 115 21.23 15.17 8.74
CA ASP B 115 22.03 15.91 7.77
C ASP B 115 22.96 15.08 6.89
N GLN B 116 22.64 13.80 6.72
CA GLN B 116 23.45 12.95 5.87
C GLN B 116 23.09 13.12 4.41
N VAL B 117 23.96 12.64 3.53
CA VAL B 117 23.71 12.71 2.10
C VAL B 117 22.73 11.58 1.76
N GLY B 118 22.25 11.57 0.52
CA GLY B 118 21.30 10.57 0.06
C GLY B 118 21.29 9.20 0.71
N ALA B 119 22.18 8.32 0.27
CA ALA B 119 22.25 6.97 0.82
C ALA B 119 22.90 7.02 2.19
N LYS B 120 22.11 7.33 3.21
CA LYS B 120 22.63 7.43 4.56
C LYS B 120 22.96 6.07 5.16
N ARG B 121 23.62 6.09 6.32
CA ARG B 121 23.96 4.87 7.04
C ARG B 121 23.79 5.14 8.53
N SER B 122 23.87 4.08 9.33
CA SER B 122 23.74 4.20 10.77
C SER B 122 24.75 5.23 11.30
N GLY B 123 24.32 6.04 12.25
CA GLY B 123 25.20 7.05 12.82
C GLY B 123 26.37 6.43 13.55
N HIS B 124 26.33 5.12 13.75
CA HIS B 124 27.39 4.42 14.44
C HIS B 124 28.34 3.67 13.52
N ARG B 125 28.22 3.95 12.22
CA ARG B 125 29.08 3.34 11.20
C ARG B 125 30.11 4.37 10.80
N PRO B 126 31.27 3.92 10.28
CA PRO B 126 32.29 4.87 9.88
C PRO B 126 32.03 5.40 8.48
N ASN B 127 32.79 6.43 8.09
CA ASN B 127 32.69 7.00 6.76
C ASN B 127 31.35 7.63 6.36
N LYS B 128 30.75 8.37 7.27
CA LYS B 128 29.49 9.04 6.98
C LYS B 128 29.79 10.31 6.16
N ALA B 129 28.81 10.74 5.38
CA ALA B 129 28.96 11.95 4.58
C ALA B 129 27.76 12.83 4.92
N ILE B 130 28.00 14.10 5.19
CA ILE B 130 26.90 14.99 5.52
C ILE B 130 26.84 16.19 4.58
N VAL B 131 25.64 16.73 4.41
CA VAL B 131 25.44 17.87 3.54
C VAL B 131 25.89 19.15 4.23
N SER B 132 25.96 20.24 3.48
CA SER B 132 26.39 21.51 4.06
C SER B 132 25.38 21.97 5.11
N LYS B 133 25.83 22.84 6.00
CA LYS B 133 24.96 23.37 7.03
C LYS B 133 23.74 24.01 6.37
N GLU B 134 24.01 24.78 5.31
CA GLU B 134 22.95 25.47 4.57
C GLU B 134 21.96 24.50 3.94
N GLU B 135 22.46 23.40 3.40
CA GLU B 135 21.59 22.43 2.76
C GLU B 135 20.66 21.81 3.80
N MET B 136 21.18 21.55 5.00
CA MET B 136 20.35 20.96 6.05
C MET B 136 19.32 21.99 6.54
N VAL B 137 19.74 23.25 6.65
CA VAL B 137 18.81 24.29 7.08
C VAL B 137 17.60 24.33 6.13
N ASP B 138 17.85 24.15 4.84
CA ASP B 138 16.77 24.18 3.86
C ASP B 138 15.83 22.98 4.07
N ARG B 139 16.39 21.83 4.39
CA ARG B 139 15.55 20.65 4.62
C ARG B 139 14.68 20.87 5.86
N ILE B 140 15.25 21.49 6.89
CA ILE B 140 14.51 21.76 8.13
C ILE B 140 13.42 22.80 7.86
N ARG B 141 13.76 23.84 7.11
CA ARG B 141 12.78 24.88 6.79
C ARG B 141 11.61 24.28 6.04
N ALA B 142 11.89 23.43 5.05
CA ALA B 142 10.83 22.78 4.31
C ALA B 142 9.96 21.91 5.23
N ALA B 143 10.58 21.21 6.17
CA ALA B 143 9.82 20.34 7.07
C ALA B 143 8.90 21.11 8.01
N VAL B 144 9.45 22.15 8.64
CA VAL B 144 8.65 22.95 9.57
C VAL B 144 7.48 23.63 8.85
N ASP B 145 7.73 24.19 7.68
CA ASP B 145 6.68 24.87 6.93
C ASP B 145 5.58 23.91 6.48
N ALA B 146 5.89 22.61 6.42
CA ALA B 146 4.92 21.62 5.97
C ALA B 146 3.96 21.14 7.07
N LYS B 147 4.30 21.40 8.32
CA LYS B 147 3.47 20.97 9.43
C LYS B 147 2.00 21.36 9.27
N THR B 148 1.12 20.36 9.33
CA THR B 148 -0.33 20.58 9.22
C THR B 148 -0.94 20.55 10.61
N ASP B 149 -0.15 20.09 11.57
CA ASP B 149 -0.56 20.02 12.97
C ASP B 149 0.56 20.81 13.66
N PRO B 150 0.22 21.99 14.23
CA PRO B 150 1.25 22.79 14.90
C PRO B 150 2.02 22.10 16.01
N ASP B 151 1.40 21.10 16.64
CA ASP B 151 2.05 20.37 17.74
C ASP B 151 2.88 19.17 17.29
N PHE B 152 2.82 18.84 16.00
CA PHE B 152 3.63 17.74 15.49
C PHE B 152 5.06 18.22 15.72
N VAL B 153 5.96 17.30 16.08
CA VAL B 153 7.34 17.70 16.34
C VAL B 153 8.34 17.45 15.23
N ILE B 154 9.11 18.49 14.90
CA ILE B 154 10.17 18.36 13.90
C ILE B 154 11.49 18.40 14.66
N MET B 155 12.14 17.24 14.74
CA MET B 155 13.42 17.09 15.43
C MET B 155 14.54 16.98 14.40
N ALA B 156 15.65 17.67 14.66
CA ALA B 156 16.80 17.61 13.76
C ALA B 156 17.87 16.72 14.35
N ARG B 157 18.44 15.87 13.50
CA ARG B 157 19.50 14.98 13.92
C ARG B 157 20.77 15.37 13.18
N THR B 158 21.89 15.40 13.90
CA THR B 158 23.15 15.71 13.23
C THR B 158 24.11 14.56 13.42
N ASP B 159 24.75 14.18 12.32
CA ASP B 159 25.74 13.12 12.31
C ASP B 159 27.13 13.71 12.16
N ALA B 160 27.27 15.00 12.42
CA ALA B 160 28.54 15.69 12.24
C ALA B 160 29.65 15.47 13.27
N LEU B 161 29.34 14.93 14.45
CA LEU B 161 30.38 14.73 15.45
C LEU B 161 31.55 13.90 14.94
N ALA B 162 31.25 12.73 14.37
CA ALA B 162 32.30 11.84 13.85
C ALA B 162 32.96 12.36 12.59
N VAL B 163 32.27 13.23 11.86
CA VAL B 163 32.82 13.76 10.62
C VAL B 163 33.58 15.07 10.76
N GLU B 164 33.04 16.00 11.54
CA GLU B 164 33.68 17.31 11.68
C GLU B 164 34.14 17.71 13.08
N GLY B 165 33.83 16.89 14.08
CA GLY B 165 34.24 17.22 15.44
C GLY B 165 33.14 17.88 16.23
N LEU B 166 33.34 17.96 17.54
CA LEU B 166 32.35 18.53 18.45
C LEU B 166 31.96 19.98 18.19
N ASP B 167 32.95 20.87 18.07
CA ASP B 167 32.64 22.29 17.85
C ASP B 167 31.82 22.49 16.57
N ALA B 168 32.17 21.76 15.52
CA ALA B 168 31.46 21.86 14.25
C ALA B 168 30.03 21.34 14.41
N ALA B 169 29.89 20.23 15.13
CA ALA B 169 28.58 19.64 15.37
C ALA B 169 27.68 20.59 16.16
N ILE B 170 28.24 21.26 17.15
CA ILE B 170 27.46 22.19 17.96
C ILE B 170 27.04 23.40 17.14
N GLU B 171 27.94 23.88 16.28
CA GLU B 171 27.61 25.03 15.43
C GLU B 171 26.45 24.65 14.50
N ARG B 172 26.46 23.42 13.99
CA ARG B 172 25.38 22.97 13.11
C ARG B 172 24.08 22.91 13.88
N ALA B 173 24.13 22.34 15.08
CA ALA B 173 22.94 22.22 15.93
C ALA B 173 22.33 23.60 16.17
N GLN B 174 23.17 24.59 16.43
CA GLN B 174 22.66 25.94 16.66
C GLN B 174 21.93 26.45 15.42
N ALA B 175 22.52 26.23 14.25
CA ALA B 175 21.90 26.66 13.00
C ALA B 175 20.58 25.92 12.74
N TYR B 176 20.57 24.63 13.03
CA TYR B 176 19.37 23.82 12.81
C TYR B 176 18.22 24.29 13.67
N VAL B 177 18.49 24.53 14.95
CA VAL B 177 17.45 25.01 15.86
C VAL B 177 17.01 26.42 15.46
N GLU B 178 17.97 27.24 15.04
CA GLU B 178 17.67 28.59 14.62
C GLU B 178 16.70 28.56 13.43
N ALA B 179 16.86 27.54 12.58
CA ALA B 179 16.02 27.37 11.39
C ALA B 179 14.63 26.81 11.70
N GLY B 180 14.38 26.45 12.96
CA GLY B 180 13.07 25.94 13.32
C GLY B 180 12.99 24.56 13.93
N ALA B 181 14.09 23.80 13.94
CA ALA B 181 14.06 22.49 14.57
C ALA B 181 13.64 22.69 16.02
N GLU B 182 12.66 21.92 16.47
CA GLU B 182 12.08 22.04 17.81
C GLU B 182 12.77 21.21 18.89
N MET B 183 13.47 20.17 18.47
CA MET B 183 14.21 19.31 19.37
C MET B 183 15.45 18.88 18.61
N LEU B 184 16.48 18.46 19.34
CA LEU B 184 17.75 18.06 18.72
C LEU B 184 18.21 16.66 19.09
N PHE B 185 18.75 15.96 18.10
CA PHE B 185 19.23 14.59 18.24
C PHE B 185 20.71 14.53 17.83
N PRO B 186 21.63 14.75 18.79
CA PRO B 186 23.06 14.69 18.46
C PRO B 186 23.44 13.20 18.46
N GLU B 187 23.62 12.65 17.27
CA GLU B 187 23.92 11.24 17.11
C GLU B 187 25.30 10.75 17.51
N ALA B 188 25.33 9.53 18.04
CA ALA B 188 26.55 8.84 18.44
C ALA B 188 27.53 9.64 19.29
N ILE B 189 27.01 10.22 20.37
CA ILE B 189 27.84 10.98 21.32
C ILE B 189 28.71 9.97 22.07
N THR B 190 29.97 10.31 22.31
CA THR B 190 30.88 9.41 22.98
C THR B 190 31.12 9.68 24.47
N GLU B 191 30.86 10.92 24.90
CA GLU B 191 31.06 11.30 26.30
C GLU B 191 29.84 12.02 26.86
N LEU B 192 29.47 11.67 28.09
CA LEU B 192 28.30 12.27 28.75
C LEU B 192 28.29 13.79 28.70
N ALA B 193 29.44 14.41 28.96
CA ALA B 193 29.56 15.86 28.99
C ALA B 193 29.06 16.55 27.72
N MET B 194 29.20 15.87 26.58
CA MET B 194 28.76 16.41 25.31
C MET B 194 27.27 16.72 25.27
N TYR B 195 26.45 15.86 25.88
CA TYR B 195 25.01 16.08 25.87
C TYR B 195 24.68 17.42 26.53
N ARG B 196 25.36 17.70 27.64
CA ARG B 196 25.16 18.95 28.37
C ARG B 196 25.51 20.15 27.49
N GLN B 197 26.60 20.04 26.76
CA GLN B 197 27.04 21.11 25.88
C GLN B 197 26.03 21.41 24.77
N PHE B 198 25.42 20.36 24.21
CA PHE B 198 24.42 20.56 23.17
C PHE B 198 23.18 21.18 23.80
N ALA B 199 22.77 20.67 24.96
CA ALA B 199 21.59 21.17 25.63
C ALA B 199 21.70 22.66 25.92
N ASP B 200 22.87 23.07 26.41
CA ASP B 200 23.10 24.47 26.74
C ASP B 200 23.17 25.33 25.50
N ALA B 201 23.84 24.82 24.46
CA ALA B 201 23.96 25.56 23.21
C ALA B 201 22.64 25.84 22.49
N VAL B 202 21.72 24.87 22.46
CA VAL B 202 20.47 25.08 21.73
C VAL B 202 19.21 25.40 22.51
N GLN B 203 19.16 25.09 23.79
CA GLN B 203 17.99 25.40 24.60
C GLN B 203 16.69 24.73 24.14
N VAL B 204 16.79 23.55 23.55
CA VAL B 204 15.61 22.79 23.16
C VAL B 204 15.85 21.36 23.65
N PRO B 205 14.77 20.55 23.77
CA PRO B 205 14.95 19.16 24.23
C PRO B 205 16.00 18.39 23.44
N ILE B 206 16.85 17.68 24.18
CA ILE B 206 17.93 16.89 23.60
C ILE B 206 17.63 15.39 23.74
N LEU B 207 17.81 14.64 22.66
CA LEU B 207 17.58 13.21 22.69
C LEU B 207 18.90 12.46 22.65
N ALA B 208 19.06 11.52 23.57
CA ALA B 208 20.25 10.68 23.65
C ALA B 208 19.88 9.30 23.09
N ASN B 209 20.59 8.88 22.04
CA ASN B 209 20.32 7.59 21.38
C ASN B 209 21.14 6.49 22.05
N ILE B 210 20.54 5.81 23.02
CA ILE B 210 21.25 4.76 23.74
C ILE B 210 21.07 3.40 23.06
N THR B 211 21.65 3.28 21.87
CA THR B 211 21.58 2.05 21.12
C THR B 211 22.78 1.17 21.49
N GLU B 212 22.64 -0.14 21.38
CA GLU B 212 23.72 -1.05 21.73
C GLU B 212 24.76 -1.24 20.63
N PHE B 213 25.94 -1.70 21.05
CA PHE B 213 27.02 -2.03 20.15
C PHE B 213 27.44 -0.94 19.18
N GLY B 214 27.50 0.29 19.68
CA GLY B 214 27.89 1.42 18.86
C GLY B 214 28.96 2.25 19.54
N ALA B 215 28.97 3.54 19.24
CA ALA B 215 29.97 4.45 19.80
C ALA B 215 29.57 5.07 21.13
N THR B 216 28.31 4.89 21.50
CA THR B 216 27.78 5.48 22.73
C THR B 216 27.71 4.52 23.91
N PRO B 217 28.24 4.95 25.07
CA PRO B 217 28.22 4.11 26.28
C PRO B 217 26.77 3.88 26.70
N LEU B 218 26.52 2.82 27.46
CA LEU B 218 25.16 2.55 27.93
C LEU B 218 24.86 3.43 29.15
N PHE B 219 24.58 4.70 28.91
CA PHE B 219 24.27 5.64 29.98
C PHE B 219 22.94 5.33 30.64
N THR B 220 22.89 5.51 31.96
CA THR B 220 21.66 5.24 32.70
C THR B 220 20.79 6.47 32.66
N THR B 221 19.53 6.34 33.05
CA THR B 221 18.64 7.49 33.04
C THR B 221 19.13 8.53 34.06
N ASP B 222 19.70 8.08 35.17
CA ASP B 222 20.21 9.01 36.16
C ASP B 222 21.38 9.81 35.57
N GLU B 223 22.26 9.15 34.83
CA GLU B 223 23.39 9.84 34.21
C GLU B 223 22.91 10.82 33.14
N LEU B 224 21.96 10.39 32.32
CA LEU B 224 21.43 11.28 31.28
C LEU B 224 20.77 12.50 31.92
N ARG B 225 20.06 12.29 33.03
CA ARG B 225 19.39 13.38 33.73
C ARG B 225 20.41 14.42 34.21
N SER B 226 21.55 13.95 34.69
CA SER B 226 22.58 14.86 35.18
C SER B 226 23.16 15.68 34.05
N ALA B 227 23.03 15.18 32.82
CA ALA B 227 23.54 15.88 31.65
C ALA B 227 22.47 16.71 30.93
N HIS B 228 21.32 16.86 31.57
CA HIS B 228 20.21 17.65 31.05
C HIS B 228 19.59 17.08 29.77
N VAL B 229 19.64 15.76 29.63
CA VAL B 229 19.06 15.10 28.47
C VAL B 229 17.54 15.02 28.68
N ALA B 230 16.76 15.37 27.66
CA ALA B 230 15.31 15.34 27.78
C ALA B 230 14.69 13.98 27.43
N MET B 231 15.32 13.25 26.52
CA MET B 231 14.81 11.96 26.07
C MET B 231 15.90 10.90 25.97
N ALA B 232 15.61 9.69 26.43
CA ALA B 232 16.54 8.57 26.34
C ALA B 232 15.88 7.61 25.35
N LEU B 233 16.51 7.40 24.19
CA LEU B 233 15.96 6.51 23.16
C LEU B 233 16.68 5.16 23.10
N TYR B 234 15.91 4.08 22.99
CA TYR B 234 16.46 2.72 22.91
C TYR B 234 15.74 2.22 21.66
N PRO B 235 16.28 2.57 20.48
CA PRO B 235 15.75 2.25 19.16
C PRO B 235 15.51 0.83 18.70
N LEU B 236 16.41 -0.09 19.03
CA LEU B 236 16.29 -1.46 18.54
C LEU B 236 16.49 -2.53 19.62
N SER B 237 16.55 -2.12 20.88
CA SER B 237 16.79 -3.04 21.99
C SER B 237 15.88 -4.28 21.99
N ALA B 238 14.57 -4.08 21.93
CA ALA B 238 13.65 -5.22 21.93
C ALA B 238 13.86 -6.10 20.71
N PHE B 239 14.04 -5.46 19.56
CA PHE B 239 14.28 -6.14 18.29
C PHE B 239 15.49 -7.09 18.36
N ARG B 240 16.61 -6.61 18.93
CA ARG B 240 17.80 -7.47 19.02
C ARG B 240 17.53 -8.71 19.87
N ALA B 241 16.78 -8.57 20.95
CA ALA B 241 16.48 -9.72 21.79
C ALA B 241 15.48 -10.65 21.11
N MET B 242 14.53 -10.06 20.37
CA MET B 242 13.53 -10.85 19.68
C MET B 242 14.19 -11.69 18.60
N ASN B 243 15.22 -11.16 17.96
CA ASN B 243 15.89 -11.89 16.89
C ASN B 243 16.68 -13.07 17.43
N ARG B 244 17.38 -12.88 18.54
CA ARG B 244 18.15 -13.97 19.12
C ARG B 244 17.21 -15.09 19.54
N ALA B 245 16.09 -14.73 20.15
CA ALA B 245 15.11 -15.73 20.60
C ALA B 245 14.51 -16.51 19.42
N ALA B 246 14.20 -15.81 18.33
CA ALA B 246 13.63 -16.46 17.17
C ALA B 246 14.65 -17.43 16.58
N GLU B 247 15.88 -16.97 16.46
CA GLU B 247 16.96 -17.79 15.92
C GLU B 247 17.13 -19.06 16.75
N HIS B 248 17.03 -18.92 18.07
CA HIS B 248 17.17 -20.07 18.96
C HIS B 248 16.07 -21.11 18.69
N VAL B 249 14.83 -20.65 18.56
CA VAL B 249 13.71 -21.54 18.26
C VAL B 249 13.91 -22.26 16.93
N TYR B 250 14.34 -21.51 15.90
CA TYR B 250 14.55 -22.12 14.59
C TYR B 250 15.65 -23.19 14.64
N ASN B 251 16.74 -22.89 15.33
CA ASN B 251 17.84 -23.85 15.44
C ASN B 251 17.46 -25.11 16.21
N VAL B 252 16.80 -24.94 17.35
CA VAL B 252 16.40 -26.10 18.15
C VAL B 252 15.40 -26.97 17.40
N LEU B 253 14.39 -26.36 16.78
CA LEU B 253 13.40 -27.12 16.02
C LEU B 253 14.06 -27.94 14.92
N ARG B 254 15.06 -27.36 14.26
CA ARG B 254 15.76 -28.01 13.17
C ARG B 254 16.65 -29.16 13.62
N GLN B 255 17.29 -29.00 14.78
CA GLN B 255 18.17 -30.02 15.32
C GLN B 255 17.43 -31.13 16.06
N GLU B 256 16.42 -30.75 16.84
CA GLU B 256 15.65 -31.70 17.65
C GLU B 256 14.39 -32.31 17.02
N GLY B 257 13.83 -31.68 16.00
CA GLY B 257 12.63 -32.22 15.37
C GLY B 257 11.38 -31.95 16.20
N THR B 258 11.48 -31.04 17.17
CA THR B 258 10.38 -30.66 18.04
C THR B 258 10.79 -29.41 18.83
N GLN B 259 9.80 -28.63 19.27
CA GLN B 259 10.09 -27.42 20.03
C GLN B 259 9.88 -27.60 21.54
N LYS B 260 9.71 -28.85 21.96
CA LYS B 260 9.50 -29.13 23.37
C LYS B 260 10.49 -28.43 24.31
N SER B 261 11.77 -28.50 23.97
CA SER B 261 12.81 -27.91 24.82
C SER B 261 12.88 -26.39 24.90
N VAL B 262 12.14 -25.69 24.06
CA VAL B 262 12.15 -24.23 24.08
C VAL B 262 10.78 -23.64 24.41
N ILE B 263 9.84 -24.50 24.78
CA ILE B 263 8.50 -24.05 25.13
C ILE B 263 8.58 -23.04 26.28
N ASP B 264 9.51 -23.24 27.22
CA ASP B 264 9.61 -22.34 28.35
C ASP B 264 10.13 -20.95 27.99
N THR B 265 10.58 -20.77 26.75
CA THR B 265 11.08 -19.46 26.32
C THR B 265 9.98 -18.69 25.59
N MET B 266 8.81 -19.31 25.47
CA MET B 266 7.72 -18.69 24.72
C MET B 266 6.62 -17.95 25.48
N GLN B 267 6.18 -16.85 24.88
CA GLN B 267 5.06 -16.11 25.45
C GLN B 267 3.89 -17.09 25.31
N THR B 268 3.08 -17.27 26.35
CA THR B 268 1.98 -18.23 26.23
C THR B 268 0.82 -17.67 25.42
N ARG B 269 -0.13 -18.53 25.06
CA ARG B 269 -1.28 -18.07 24.29
C ARG B 269 -2.06 -17.06 25.12
N ASN B 270 -2.26 -17.35 26.40
CA ASN B 270 -2.99 -16.38 27.24
C ASN B 270 -2.28 -15.02 27.29
N GLU B 271 -0.97 -15.02 27.44
CA GLU B 271 -0.23 -13.77 27.50
C GLU B 271 -0.42 -12.97 26.21
N LEU B 272 -0.39 -13.66 25.07
CA LEU B 272 -0.58 -13.00 23.78
C LEU B 272 -1.97 -12.40 23.70
N TYR B 273 -2.97 -13.19 24.08
CA TYR B 273 -4.36 -12.74 24.04
C TYR B 273 -4.61 -11.52 24.94
N GLU B 274 -4.03 -11.53 26.13
CA GLU B 274 -4.21 -10.38 27.01
C GLU B 274 -3.56 -9.14 26.37
N SER B 275 -2.41 -9.35 25.73
CA SER B 275 -1.67 -8.27 25.08
C SER B 275 -2.44 -7.55 23.97
N ILE B 276 -3.19 -8.31 23.18
CA ILE B 276 -3.95 -7.72 22.07
C ILE B 276 -5.46 -7.58 22.34
N ASN B 277 -5.85 -7.74 23.61
CA ASN B 277 -7.26 -7.60 24.01
C ASN B 277 -8.15 -8.62 23.27
N TYR B 278 -7.60 -9.80 23.01
CA TYR B 278 -8.31 -10.84 22.28
C TYR B 278 -9.67 -11.25 22.84
N TYR B 279 -9.74 -11.47 24.15
CA TYR B 279 -10.98 -11.92 24.75
C TYR B 279 -12.15 -10.95 24.58
N GLN B 280 -11.88 -9.66 24.54
CA GLN B 280 -12.95 -8.67 24.37
C GLN B 280 -13.62 -8.88 23.01
N TYR B 281 -12.79 -9.12 21.98
CA TYR B 281 -13.32 -9.34 20.65
C TYR B 281 -14.04 -10.68 20.53
N GLU B 282 -13.44 -11.74 21.03
CA GLU B 282 -14.10 -13.04 20.92
C GLU B 282 -15.43 -13.06 21.65
N GLU B 283 -15.51 -12.39 22.80
CA GLU B 283 -16.76 -12.36 23.57
C GLU B 283 -17.87 -11.69 22.76
N LYS B 284 -17.53 -10.62 22.05
CA LYS B 284 -18.52 -9.92 21.23
C LYS B 284 -19.06 -10.82 20.14
N LEU B 285 -18.19 -11.58 19.50
CA LEU B 285 -18.60 -12.50 18.43
C LEU B 285 -19.52 -13.59 18.95
N ASP B 286 -19.19 -14.14 20.12
CA ASP B 286 -19.99 -15.22 20.69
C ASP B 286 -21.34 -14.72 21.21
N ASN B 287 -21.46 -13.42 21.42
CA ASN B 287 -22.71 -12.84 21.91
C ASN B 287 -23.53 -12.21 20.77
N LEU C 2 -7.20 21.67 14.94
CA LEU C 2 -7.08 20.69 13.82
C LEU C 2 -8.36 20.69 12.99
N HIS C 3 -8.20 20.69 11.67
CA HIS C 3 -9.33 20.71 10.74
C HIS C 3 -10.03 19.36 10.65
N SER C 4 -11.36 19.40 10.66
CA SER C 4 -12.18 18.21 10.55
C SER C 4 -12.93 18.24 9.22
N PRO C 5 -12.64 17.28 8.33
CA PRO C 5 -13.33 17.26 7.03
C PRO C 5 -14.84 17.11 7.23
N GLY C 6 -15.21 16.30 8.21
CA GLY C 6 -16.62 16.07 8.51
C GLY C 6 -17.31 17.35 8.91
N LYS C 7 -16.61 18.18 9.66
CA LYS C 7 -17.18 19.45 10.08
C LYS C 7 -17.36 20.35 8.86
N ALA C 8 -16.44 20.24 7.90
CA ALA C 8 -16.53 21.04 6.68
C ALA C 8 -17.70 20.57 5.82
N PHE C 9 -17.97 19.28 5.86
CA PHE C 9 -19.07 18.73 5.07
C PHE C 9 -20.40 19.24 5.62
N ARG C 10 -20.54 19.19 6.95
CA ARG C 10 -21.75 19.65 7.61
C ARG C 10 -21.96 21.13 7.34
N ALA C 11 -20.87 21.88 7.28
CA ALA C 11 -20.96 23.31 7.01
C ALA C 11 -21.43 23.58 5.59
N ALA C 12 -20.92 22.80 4.63
CA ALA C 12 -21.31 22.97 3.24
C ALA C 12 -22.80 22.69 3.06
N LEU C 13 -23.36 21.80 3.89
CA LEU C 13 -24.78 21.47 3.82
C LEU C 13 -25.66 22.65 4.21
N THR C 14 -25.19 23.46 5.14
CA THR C 14 -25.98 24.62 5.59
C THR C 14 -25.84 25.82 4.65
N LYS C 15 -24.83 25.82 3.79
CA LYS C 15 -24.62 26.93 2.88
C LYS C 15 -25.21 26.71 1.48
N GLU C 16 -25.48 25.45 1.15
CA GLU C 16 -26.02 25.11 -0.17
C GLU C 16 -27.12 24.08 -0.02
N ASN C 17 -28.29 24.37 -0.60
CA ASN C 17 -29.42 23.45 -0.50
C ASN C 17 -30.28 23.41 -1.78
N PRO C 18 -30.27 22.27 -2.48
CA PRO C 18 -29.51 21.08 -2.12
C PRO C 18 -28.02 21.27 -2.40
N LEU C 19 -27.19 20.55 -1.66
CA LEU C 19 -25.75 20.63 -1.81
C LEU C 19 -25.36 19.73 -2.96
N GLN C 20 -24.75 20.28 -4.00
CA GLN C 20 -24.32 19.44 -5.12
C GLN C 20 -23.01 18.76 -4.72
N ILE C 21 -22.97 17.44 -4.90
CA ILE C 21 -21.77 16.66 -4.58
C ILE C 21 -21.41 15.86 -5.83
N VAL C 22 -20.23 16.09 -6.39
CA VAL C 22 -19.82 15.40 -7.61
C VAL C 22 -18.76 14.34 -7.38
N GLY C 23 -18.91 13.22 -8.08
CA GLY C 23 -17.93 12.16 -7.96
C GLY C 23 -16.65 12.65 -8.62
N THR C 24 -15.52 12.27 -8.04
CA THR C 24 -14.19 12.63 -8.55
C THR C 24 -13.46 11.30 -8.62
N ILE C 25 -13.16 10.86 -9.84
CA ILE C 25 -12.52 9.56 -10.06
C ILE C 25 -11.06 9.49 -9.58
N ASN C 26 -10.39 10.63 -9.51
CA ASN C 26 -9.01 10.69 -9.03
C ASN C 26 -8.68 12.08 -8.47
N ALA C 27 -7.45 12.25 -7.98
CA ALA C 27 -7.04 13.52 -7.38
C ALA C 27 -7.13 14.70 -8.35
N ASN C 28 -6.75 14.45 -9.60
CA ASN C 28 -6.78 15.51 -10.60
C ASN C 28 -8.20 16.06 -10.76
N HIS C 29 -9.18 15.15 -10.88
CA HIS C 29 -10.55 15.59 -11.07
C HIS C 29 -11.12 16.25 -9.80
N ALA C 30 -10.58 15.89 -8.64
CA ALA C 30 -11.02 16.53 -7.41
C ALA C 30 -10.63 18.00 -7.51
N LEU C 31 -9.45 18.28 -8.07
CA LEU C 31 -8.99 19.66 -8.22
C LEU C 31 -9.85 20.40 -9.25
N LEU C 32 -10.23 19.72 -10.32
CA LEU C 32 -11.09 20.34 -11.35
C LEU C 32 -12.44 20.69 -10.74
N ALA C 33 -12.97 19.78 -9.90
CA ALA C 33 -14.25 20.01 -9.24
C ALA C 33 -14.16 21.23 -8.30
N GLN C 34 -13.05 21.31 -7.59
CA GLN C 34 -12.83 22.42 -6.67
C GLN C 34 -12.76 23.73 -7.47
N ARG C 35 -12.06 23.71 -8.59
CA ARG C 35 -11.94 24.91 -9.42
C ARG C 35 -13.29 25.31 -10.01
N ALA C 36 -14.15 24.34 -10.29
CA ALA C 36 -15.47 24.59 -10.85
C ALA C 36 -16.43 25.19 -9.82
N GLY C 37 -16.02 25.18 -8.56
CA GLY C 37 -16.83 25.77 -7.51
C GLY C 37 -17.58 24.85 -6.55
N TYR C 38 -17.41 23.54 -6.69
CA TYR C 38 -18.10 22.62 -5.80
C TYR C 38 -17.56 22.70 -4.37
N GLN C 39 -18.44 22.40 -3.41
CA GLN C 39 -18.10 22.49 -1.99
C GLN C 39 -17.92 21.14 -1.31
N ALA C 40 -18.18 20.06 -2.04
CA ALA C 40 -18.05 18.72 -1.50
C ALA C 40 -17.91 17.76 -2.67
N ILE C 41 -17.20 16.66 -2.47
CA ILE C 41 -16.99 15.70 -3.54
C ILE C 41 -17.26 14.29 -3.05
N TYR C 42 -17.25 13.34 -3.98
CA TYR C 42 -17.60 11.96 -3.68
C TYR C 42 -16.66 10.92 -4.29
N LEU C 43 -16.38 9.86 -3.53
CA LEU C 43 -15.55 8.75 -4.03
C LEU C 43 -16.54 7.60 -4.23
N SER C 44 -16.92 7.37 -5.49
CA SER C 44 -17.85 6.32 -5.89
C SER C 44 -17.25 4.92 -5.79
N GLY C 45 -17.99 3.98 -5.20
CA GLY C 45 -17.50 2.61 -5.11
C GLY C 45 -17.47 2.02 -6.51
N GLY C 46 -18.44 2.42 -7.33
CA GLY C 46 -18.50 1.94 -8.70
C GLY C 46 -17.31 2.48 -9.47
N GLY C 47 -16.89 3.70 -9.12
CA GLY C 47 -15.74 4.33 -9.76
C GLY C 47 -14.43 3.69 -9.35
N VAL C 48 -14.28 3.36 -8.07
CA VAL C 48 -13.05 2.71 -7.62
C VAL C 48 -12.94 1.37 -8.35
N ALA C 49 -14.05 0.64 -8.41
CA ALA C 49 -14.08 -0.64 -9.09
C ALA C 49 -13.83 -0.51 -10.59
N ALA C 50 -14.74 0.15 -11.30
CA ALA C 50 -14.63 0.28 -12.75
C ALA C 50 -13.47 1.15 -13.26
N GLY C 51 -13.18 2.22 -12.55
CA GLY C 51 -12.12 3.13 -12.95
C GLY C 51 -10.73 2.73 -12.48
N SER C 52 -10.54 2.69 -11.16
CA SER C 52 -9.24 2.34 -10.60
C SER C 52 -8.82 0.89 -10.80
N LEU C 53 -9.78 -0.03 -10.76
CA LEU C 53 -9.45 -1.45 -10.91
C LEU C 53 -9.86 -2.08 -12.25
N GLY C 54 -10.70 -1.38 -13.02
CA GLY C 54 -11.15 -1.91 -14.29
C GLY C 54 -12.04 -3.14 -14.08
N LEU C 55 -12.71 -3.18 -12.93
CA LEU C 55 -13.57 -4.31 -12.57
C LEU C 55 -15.02 -3.93 -12.27
N PRO C 56 -15.93 -4.90 -12.34
CA PRO C 56 -17.35 -4.66 -12.07
C PRO C 56 -17.52 -4.35 -10.58
N ASP C 57 -18.57 -3.61 -10.24
CA ASP C 57 -18.84 -3.25 -8.86
C ASP C 57 -19.62 -4.41 -8.22
N LEU C 58 -18.94 -5.53 -7.98
CA LEU C 58 -19.56 -6.71 -7.40
C LEU C 58 -18.83 -7.24 -6.16
N GLY C 59 -18.48 -6.32 -5.26
CA GLY C 59 -17.80 -6.70 -4.03
C GLY C 59 -16.38 -7.24 -4.21
N ILE C 60 -15.69 -6.85 -5.28
CA ILE C 60 -14.32 -7.33 -5.51
C ILE C 60 -13.27 -6.36 -4.98
N SER C 61 -13.59 -5.07 -4.90
CA SER C 61 -12.61 -4.08 -4.40
C SER C 61 -12.40 -4.30 -2.90
N THR C 62 -11.19 -3.96 -2.42
CA THR C 62 -10.88 -4.12 -1.01
C THR C 62 -10.84 -2.76 -0.33
N LEU C 63 -10.87 -2.75 0.99
CA LEU C 63 -10.82 -1.50 1.74
C LEU C 63 -9.57 -0.74 1.32
N ASP C 64 -8.44 -1.43 1.17
CA ASP C 64 -7.22 -0.76 0.79
C ASP C 64 -7.27 -0.10 -0.57
N ASP C 65 -8.02 -0.68 -1.51
CA ASP C 65 -8.15 -0.07 -2.85
C ASP C 65 -8.79 1.31 -2.66
N VAL C 66 -9.81 1.37 -1.83
CA VAL C 66 -10.53 2.61 -1.55
C VAL C 66 -9.68 3.59 -0.76
N LEU C 67 -9.01 3.12 0.28
CA LEU C 67 -8.16 3.99 1.10
C LEU C 67 -7.09 4.69 0.25
N THR C 68 -6.51 3.96 -0.70
CA THR C 68 -5.49 4.54 -1.56
C THR C 68 -6.06 5.73 -2.31
N ASP C 69 -7.26 5.57 -2.85
CA ASP C 69 -7.88 6.67 -3.58
C ASP C 69 -8.26 7.82 -2.63
N ILE C 70 -8.68 7.50 -1.41
CA ILE C 70 -9.03 8.56 -0.45
C ILE C 70 -7.80 9.41 -0.14
N ARG C 71 -6.66 8.75 0.11
CA ARG C 71 -5.44 9.49 0.43
C ARG C 71 -4.97 10.34 -0.74
N ARG C 72 -4.99 9.77 -1.94
CA ARG C 72 -4.55 10.51 -3.11
C ARG C 72 -5.36 11.80 -3.27
N ILE C 73 -6.67 11.67 -3.13
CA ILE C 73 -7.55 12.83 -3.30
C ILE C 73 -7.45 13.86 -2.18
N THR C 74 -7.53 13.42 -0.92
CA THR C 74 -7.50 14.36 0.19
C THR C 74 -6.13 14.93 0.56
N ASP C 75 -5.07 14.31 0.04
CA ASP C 75 -3.73 14.82 0.32
C ASP C 75 -3.54 16.13 -0.47
N VAL C 76 -4.23 16.28 -1.60
CA VAL C 76 -4.08 17.46 -2.42
C VAL C 76 -5.31 18.38 -2.50
N CYS C 77 -6.50 17.81 -2.33
CA CYS C 77 -7.73 18.61 -2.40
C CYS C 77 -8.37 18.79 -1.03
N SER C 78 -8.62 20.04 -0.65
CA SER C 78 -9.19 20.36 0.65
C SER C 78 -10.71 20.19 0.81
N LEU C 79 -11.42 19.88 -0.27
CA LEU C 79 -12.87 19.72 -0.16
C LEU C 79 -13.24 18.46 0.62
N PRO C 80 -14.36 18.49 1.37
CA PRO C 80 -14.78 17.32 2.13
C PRO C 80 -15.21 16.21 1.17
N LEU C 81 -14.71 15.00 1.44
CA LEU C 81 -14.96 13.83 0.60
C LEU C 81 -15.87 12.79 1.24
N LEU C 82 -17.03 12.56 0.63
CA LEU C 82 -17.99 11.54 1.09
C LEU C 82 -17.58 10.26 0.37
N VAL C 83 -17.46 9.16 1.11
CA VAL C 83 -17.02 7.89 0.51
C VAL C 83 -18.04 6.76 0.54
N ASP C 84 -18.09 5.98 -0.54
CA ASP C 84 -18.98 4.80 -0.60
C ASP C 84 -18.21 3.68 0.12
N ALA C 85 -18.69 3.24 1.28
CA ALA C 85 -17.99 2.18 2.02
C ALA C 85 -18.69 0.82 1.90
N ASP C 86 -19.60 0.70 0.94
CA ASP C 86 -20.39 -0.51 0.71
C ASP C 86 -20.92 -1.11 2.02
N ILE C 87 -20.49 -2.32 2.39
CA ILE C 87 -20.96 -2.93 3.64
C ILE C 87 -19.92 -3.01 4.76
N GLY C 88 -18.83 -2.26 4.63
CA GLY C 88 -17.80 -2.28 5.66
C GLY C 88 -16.59 -3.15 5.37
N PHE C 89 -16.53 -3.74 4.18
CA PHE C 89 -15.40 -4.55 3.77
C PHE C 89 -14.98 -5.68 4.71
N GLY C 90 -15.94 -6.54 5.05
CA GLY C 90 -15.62 -7.64 5.94
C GLY C 90 -16.93 -8.24 6.39
N SER C 91 -16.87 -9.33 7.16
CA SER C 91 -18.10 -9.98 7.60
C SER C 91 -18.59 -9.63 8.99
N SER C 92 -17.82 -8.85 9.76
CA SER C 92 -18.24 -8.53 11.12
C SER C 92 -18.19 -7.04 11.50
N ALA C 93 -18.70 -6.75 12.71
CA ALA C 93 -18.71 -5.40 13.21
C ALA C 93 -17.29 -4.88 13.34
N PHE C 94 -16.33 -5.80 13.49
CA PHE C 94 -14.92 -5.41 13.61
C PHE C 94 -14.43 -4.83 12.30
N ASN C 95 -14.90 -5.39 11.18
CA ASN C 95 -14.49 -4.90 9.87
C ASN C 95 -15.11 -3.53 9.62
N VAL C 96 -16.36 -3.37 10.03
CA VAL C 96 -17.02 -2.08 9.87
C VAL C 96 -16.24 -1.03 10.66
N ALA C 97 -15.91 -1.35 11.91
CA ALA C 97 -15.17 -0.41 12.76
C ALA C 97 -13.81 -0.04 12.17
N ARG C 98 -13.05 -1.03 11.71
CA ARG C 98 -11.75 -0.73 11.13
C ARG C 98 -11.90 0.12 9.86
N THR C 99 -12.92 -0.17 9.06
CA THR C 99 -13.17 0.62 7.85
C THR C 99 -13.40 2.10 8.22
N VAL C 100 -14.26 2.33 9.21
CA VAL C 100 -14.53 3.71 9.63
C VAL C 100 -13.28 4.43 10.13
N LYS C 101 -12.54 3.81 11.05
CA LYS C 101 -11.34 4.43 11.59
C LYS C 101 -10.30 4.66 10.51
N SER C 102 -10.11 3.68 9.63
CA SER C 102 -9.15 3.83 8.54
C SER C 102 -9.53 4.96 7.58
N MET C 103 -10.81 5.06 7.24
CA MET C 103 -11.23 6.11 6.32
C MET C 103 -11.10 7.50 6.94
N ILE C 104 -11.33 7.60 8.24
CA ILE C 104 -11.16 8.88 8.92
C ILE C 104 -9.67 9.26 8.85
N LYS C 105 -8.79 8.32 9.15
CA LYS C 105 -7.35 8.59 9.12
C LYS C 105 -6.89 8.91 7.72
N ALA C 106 -7.48 8.27 6.72
CA ALA C 106 -7.10 8.53 5.33
C ALA C 106 -7.52 9.94 4.90
N GLY C 107 -8.43 10.55 5.63
CA GLY C 107 -8.85 11.92 5.31
C GLY C 107 -10.27 12.19 4.84
N ALA C 108 -11.12 11.18 4.84
CA ALA C 108 -12.51 11.33 4.38
C ALA C 108 -13.37 12.16 5.35
N ALA C 109 -14.43 12.76 4.83
CA ALA C 109 -15.35 13.60 5.61
C ALA C 109 -16.53 12.78 6.11
N GLY C 110 -16.83 11.68 5.42
CA GLY C 110 -17.93 10.82 5.81
C GLY C 110 -18.03 9.63 4.89
N LEU C 111 -18.92 8.69 5.21
CA LEU C 111 -19.09 7.53 4.35
C LEU C 111 -20.53 7.06 4.46
N HIS C 112 -20.95 6.23 3.52
CA HIS C 112 -22.26 5.62 3.63
C HIS C 112 -22.08 4.12 3.62
N ILE C 113 -22.85 3.43 4.46
CA ILE C 113 -22.78 1.97 4.52
C ILE C 113 -24.19 1.51 4.17
N GLU C 114 -24.29 0.37 3.48
CA GLU C 114 -25.60 -0.11 3.06
C GLU C 114 -26.04 -1.42 3.70
N ASP C 115 -27.25 -1.81 3.37
CA ASP C 115 -27.85 -3.01 3.95
C ASP C 115 -27.90 -4.30 3.15
N GLN C 116 -27.11 -4.39 2.08
CA GLN C 116 -27.15 -5.62 1.30
C GLN C 116 -26.35 -6.76 1.92
N VAL C 117 -26.71 -7.98 1.53
CA VAL C 117 -26.02 -9.18 1.98
C VAL C 117 -24.87 -9.31 0.99
N GLY C 118 -23.63 -9.36 1.49
CA GLY C 118 -22.49 -9.48 0.59
C GLY C 118 -22.57 -8.48 -0.55
N ALA C 119 -22.60 -8.98 -1.79
CA ALA C 119 -22.72 -8.12 -2.98
C ALA C 119 -23.95 -8.57 -3.77
N LYS C 120 -24.93 -9.15 -3.07
CA LYS C 120 -26.15 -9.66 -3.71
C LYS C 120 -26.98 -8.59 -4.41
N ARG C 121 -27.12 -7.42 -3.81
CA ARG C 121 -27.87 -6.36 -4.46
C ARG C 121 -27.02 -5.82 -5.61
N SER C 122 -25.71 -5.75 -5.41
CA SER C 122 -24.84 -5.29 -6.47
C SER C 122 -25.03 -6.22 -7.66
N GLY C 123 -25.28 -7.49 -7.37
CA GLY C 123 -25.48 -8.50 -8.42
C GLY C 123 -26.92 -8.61 -8.89
N HIS C 124 -27.75 -7.66 -8.46
CA HIS C 124 -29.16 -7.60 -8.85
C HIS C 124 -30.03 -8.79 -8.45
N ARG C 125 -29.69 -9.42 -7.34
CA ARG C 125 -30.49 -10.56 -6.86
C ARG C 125 -31.64 -9.97 -6.04
N PRO C 126 -32.87 -10.39 -6.33
CA PRO C 126 -34.00 -9.83 -5.59
C PRO C 126 -34.36 -10.47 -4.24
N ASN C 127 -33.97 -11.73 -4.03
CA ASN C 127 -34.36 -12.38 -2.78
C ASN C 127 -33.23 -12.67 -1.80
N LYS C 128 -33.53 -12.47 -0.52
CA LYS C 128 -32.57 -12.69 0.56
C LYS C 128 -31.27 -11.94 0.27
N ALA C 129 -31.40 -10.74 -0.29
CA ALA C 129 -30.24 -9.92 -0.63
C ALA C 129 -30.08 -8.71 0.28
N ILE C 130 -31.00 -8.55 1.24
CA ILE C 130 -30.94 -7.43 2.18
C ILE C 130 -30.91 -8.01 3.59
N VAL C 131 -30.04 -7.50 4.45
CA VAL C 131 -29.95 -8.01 5.80
C VAL C 131 -31.18 -7.56 6.59
N SER C 132 -31.42 -8.20 7.73
CA SER C 132 -32.57 -7.81 8.56
C SER C 132 -32.33 -6.41 9.12
N LYS C 133 -33.41 -5.74 9.52
CA LYS C 133 -33.33 -4.40 10.09
C LYS C 133 -32.36 -4.41 11.27
N GLU C 134 -32.45 -5.46 12.08
CA GLU C 134 -31.59 -5.61 13.26
C GLU C 134 -30.12 -5.71 12.86
N GLU C 135 -29.83 -6.52 11.84
CA GLU C 135 -28.46 -6.68 11.39
C GLU C 135 -27.89 -5.37 10.85
N MET C 136 -28.73 -4.57 10.18
CA MET C 136 -28.23 -3.30 9.66
C MET C 136 -28.01 -2.34 10.80
N VAL C 137 -28.88 -2.38 11.80
CA VAL C 137 -28.73 -1.52 12.96
C VAL C 137 -27.38 -1.86 13.62
N ASP C 138 -27.01 -3.14 13.62
CA ASP C 138 -25.72 -3.55 14.19
C ASP C 138 -24.56 -2.93 13.41
N ARG C 139 -24.67 -2.89 12.08
CA ARG C 139 -23.61 -2.30 11.25
C ARG C 139 -23.50 -0.81 11.55
N ILE C 140 -24.65 -0.16 11.66
CA ILE C 140 -24.68 1.27 11.91
C ILE C 140 -24.12 1.62 13.27
N ARG C 141 -24.51 0.86 14.29
CA ARG C 141 -23.99 1.14 15.63
C ARG C 141 -22.49 0.91 15.66
N ALA C 142 -22.02 -0.12 14.99
CA ALA C 142 -20.58 -0.38 14.96
C ALA C 142 -19.86 0.79 14.28
N ALA C 143 -20.44 1.32 13.21
CA ALA C 143 -19.84 2.44 12.48
C ALA C 143 -19.83 3.71 13.32
N VAL C 144 -20.96 4.03 13.93
CA VAL C 144 -21.06 5.23 14.75
C VAL C 144 -20.14 5.18 15.97
N ASP C 145 -20.07 4.02 16.64
CA ASP C 145 -19.21 3.90 17.81
C ASP C 145 -17.72 3.94 17.47
N ALA C 146 -17.40 3.64 16.21
CA ALA C 146 -16.00 3.65 15.77
C ALA C 146 -15.47 5.03 15.43
N LYS C 147 -16.34 6.03 15.38
CA LYS C 147 -15.92 7.38 15.03
C LYS C 147 -14.85 7.97 15.95
N THR C 148 -13.69 8.25 15.38
CA THR C 148 -12.60 8.86 16.15
C THR C 148 -12.69 10.39 16.05
N ASP C 149 -13.50 10.85 15.11
CA ASP C 149 -13.75 12.29 14.92
C ASP C 149 -15.26 12.40 14.98
N PRO C 150 -15.79 13.04 16.03
CA PRO C 150 -17.25 13.17 16.18
C PRO C 150 -17.98 13.81 15.00
N ASP C 151 -17.29 14.65 14.24
CA ASP C 151 -17.92 15.31 13.11
C ASP C 151 -17.91 14.51 11.80
N PHE C 152 -17.24 13.35 11.81
CA PHE C 152 -17.21 12.49 10.63
C PHE C 152 -18.67 12.08 10.43
N VAL C 153 -19.11 11.97 9.18
CA VAL C 153 -20.51 11.63 8.91
C VAL C 153 -20.78 10.17 8.58
N ILE C 154 -21.72 9.56 9.28
CA ILE C 154 -22.10 8.18 8.98
C ILE C 154 -23.47 8.25 8.34
N MET C 155 -23.51 7.98 7.05
CA MET C 155 -24.74 7.99 6.27
C MET C 155 -25.19 6.55 6.03
N ALA C 156 -26.50 6.31 6.07
CA ALA C 156 -27.00 4.97 5.81
C ALA C 156 -27.63 4.96 4.42
N ARG C 157 -27.32 3.90 3.66
CA ARG C 157 -27.87 3.75 2.32
C ARG C 157 -28.72 2.49 2.32
N THR C 158 -29.90 2.56 1.75
CA THR C 158 -30.73 1.36 1.70
C THR C 158 -31.08 1.05 0.26
N ASP C 159 -30.91 -0.22 -0.08
CA ASP C 159 -31.17 -0.74 -1.41
C ASP C 159 -32.47 -1.55 -1.36
N ALA C 160 -33.38 -1.19 -0.45
CA ALA C 160 -34.62 -1.94 -0.27
C ALA C 160 -35.84 -1.50 -1.09
N LEU C 161 -35.89 -0.25 -1.52
CA LEU C 161 -37.05 0.21 -2.29
C LEU C 161 -37.34 -0.68 -3.50
N ALA C 162 -36.30 -0.95 -4.27
CA ALA C 162 -36.39 -1.77 -5.49
C ALA C 162 -36.73 -3.23 -5.28
N VAL C 163 -36.68 -3.70 -4.03
CA VAL C 163 -36.97 -5.09 -3.76
C VAL C 163 -38.11 -5.33 -2.77
N GLU C 164 -38.24 -4.46 -1.77
CA GLU C 164 -39.27 -4.62 -0.73
C GLU C 164 -40.42 -3.62 -0.79
N GLY C 165 -40.30 -2.60 -1.61
CA GLY C 165 -41.36 -1.60 -1.71
C GLY C 165 -41.11 -0.36 -0.86
N LEU C 166 -41.88 0.70 -1.14
CA LEU C 166 -41.72 1.98 -0.45
C LEU C 166 -41.91 1.91 1.06
N ASP C 167 -43.03 1.32 1.49
CA ASP C 167 -43.32 1.20 2.92
C ASP C 167 -42.18 0.56 3.70
N ALA C 168 -41.69 -0.57 3.21
CA ALA C 168 -40.60 -1.28 3.86
C ALA C 168 -39.31 -0.46 3.88
N ALA C 169 -39.04 0.25 2.80
CA ALA C 169 -37.83 1.07 2.72
C ALA C 169 -37.88 2.23 3.72
N ILE C 170 -39.07 2.83 3.86
CA ILE C 170 -39.24 3.93 4.80
C ILE C 170 -39.09 3.41 6.24
N GLU C 171 -39.63 2.23 6.50
CA GLU C 171 -39.53 1.62 7.82
C GLU C 171 -38.07 1.32 8.17
N ARG C 172 -37.32 0.80 7.19
CA ARG C 172 -35.91 0.51 7.43
C ARG C 172 -35.18 1.83 7.72
N ALA C 173 -35.46 2.84 6.89
CA ALA C 173 -34.81 4.13 7.03
C ALA C 173 -35.04 4.75 8.42
N GLN C 174 -36.24 4.58 8.96
CA GLN C 174 -36.52 5.13 10.27
C GLN C 174 -35.73 4.37 11.34
N ALA C 175 -35.63 3.06 11.19
CA ALA C 175 -34.88 2.25 12.15
C ALA C 175 -33.40 2.57 12.09
N TYR C 176 -32.92 2.88 10.89
CA TYR C 176 -31.50 3.19 10.69
C TYR C 176 -31.11 4.53 11.32
N VAL C 177 -31.99 5.51 11.17
CA VAL C 177 -31.75 6.83 11.73
C VAL C 177 -31.86 6.74 13.25
N GLU C 178 -32.78 5.92 13.73
CA GLU C 178 -32.93 5.77 15.18
C GLU C 178 -31.69 5.11 15.78
N ALA C 179 -31.05 4.23 15.00
CA ALA C 179 -29.84 3.53 15.46
C ALA C 179 -28.59 4.41 15.40
N GLY C 180 -28.71 5.59 14.80
CA GLY C 180 -27.57 6.47 14.73
C GLY C 180 -27.19 7.05 13.38
N ALA C 181 -27.80 6.56 12.30
CA ALA C 181 -27.47 7.09 10.97
C ALA C 181 -27.76 8.59 10.99
N GLU C 182 -26.80 9.37 10.51
CA GLU C 182 -26.93 10.83 10.51
C GLU C 182 -27.57 11.43 9.27
N MET C 183 -27.50 10.70 8.16
CA MET C 183 -28.10 11.14 6.91
C MET C 183 -28.57 9.89 6.20
N LEU C 184 -29.47 10.04 5.22
CA LEU C 184 -29.99 8.88 4.51
C LEU C 184 -29.83 8.94 3.00
N PHE C 185 -29.51 7.78 2.40
CA PHE C 185 -29.32 7.63 0.96
C PHE C 185 -30.30 6.55 0.47
N PRO C 186 -31.52 6.95 0.08
CA PRO C 186 -32.51 5.97 -0.39
C PRO C 186 -32.32 5.74 -1.89
N GLU C 187 -31.91 4.53 -2.27
CA GLU C 187 -31.68 4.23 -3.69
C GLU C 187 -32.92 3.87 -4.47
N ALA C 188 -32.81 4.01 -5.80
CA ALA C 188 -33.86 3.66 -6.74
C ALA C 188 -35.13 4.50 -6.74
N ILE C 189 -35.08 5.71 -6.20
CA ILE C 189 -36.25 6.56 -6.20
C ILE C 189 -36.43 7.15 -7.60
N THR C 190 -37.66 7.11 -8.10
CA THR C 190 -37.96 7.62 -9.43
C THR C 190 -38.91 8.81 -9.46
N GLU C 191 -39.52 9.13 -8.32
CA GLU C 191 -40.45 10.25 -8.27
C GLU C 191 -40.08 11.27 -7.21
N LEU C 192 -40.19 12.54 -7.55
CA LEU C 192 -39.87 13.62 -6.62
C LEU C 192 -40.64 13.51 -5.30
N ALA C 193 -41.92 13.20 -5.42
CA ALA C 193 -42.79 13.05 -4.25
C ALA C 193 -42.22 12.05 -3.26
N MET C 194 -41.58 11.02 -3.79
CA MET C 194 -40.99 9.97 -2.97
C MET C 194 -39.86 10.53 -2.11
N TYR C 195 -39.05 11.42 -2.68
CA TYR C 195 -37.98 12.02 -1.90
C TYR C 195 -38.58 12.78 -0.73
N ARG C 196 -39.68 13.48 -1.00
CA ARG C 196 -40.35 14.25 0.03
C ARG C 196 -40.84 13.33 1.16
N GLN C 197 -41.38 12.17 0.80
CA GLN C 197 -41.86 11.23 1.81
C GLN C 197 -40.75 10.79 2.77
N PHE C 198 -39.58 10.48 2.23
CA PHE C 198 -38.44 10.06 3.07
C PHE C 198 -37.99 11.20 3.97
N ALA C 199 -37.85 12.39 3.39
CA ALA C 199 -37.43 13.56 4.15
C ALA C 199 -38.29 13.72 5.40
N ASP C 200 -39.61 13.67 5.24
CA ASP C 200 -40.51 13.82 6.38
C ASP C 200 -40.48 12.64 7.35
N ALA C 201 -40.19 11.46 6.83
CA ALA C 201 -40.15 10.26 7.67
C ALA C 201 -38.96 10.16 8.60
N VAL C 202 -37.78 10.60 8.16
CA VAL C 202 -36.57 10.50 8.97
C VAL C 202 -36.11 11.81 9.62
N GLN C 203 -36.39 12.92 8.98
CA GLN C 203 -36.03 14.22 9.52
C GLN C 203 -34.52 14.47 9.63
N VAL C 204 -33.74 13.82 8.77
CA VAL C 204 -32.30 14.02 8.71
C VAL C 204 -32.05 14.31 7.23
N PRO C 205 -30.88 14.87 6.89
CA PRO C 205 -30.60 15.16 5.48
C PRO C 205 -30.74 13.95 4.56
N ILE C 206 -31.36 14.17 3.40
CA ILE C 206 -31.60 13.13 2.40
C ILE C 206 -30.77 13.38 1.15
N LEU C 207 -30.12 12.33 0.65
CA LEU C 207 -29.30 12.45 -0.56
C LEU C 207 -30.03 11.82 -1.75
N ALA C 208 -30.09 12.55 -2.85
CA ALA C 208 -30.71 12.07 -4.07
C ALA C 208 -29.60 11.69 -5.04
N ASN C 209 -29.63 10.45 -5.52
CA ASN C 209 -28.63 9.95 -6.45
C ASN C 209 -29.06 10.24 -7.88
N ILE C 210 -28.52 11.31 -8.46
CA ILE C 210 -28.88 11.68 -9.82
C ILE C 210 -27.84 11.17 -10.83
N THR C 211 -27.74 9.85 -10.93
CA THR C 211 -26.79 9.24 -11.85
C THR C 211 -27.48 9.07 -13.22
N GLU C 212 -26.69 8.97 -14.28
CA GLU C 212 -27.24 8.83 -15.64
C GLU C 212 -27.53 7.39 -16.02
N PHE C 213 -28.29 7.23 -17.08
CA PHE C 213 -28.62 5.92 -17.65
C PHE C 213 -29.27 4.92 -16.69
N GLY C 214 -30.02 5.44 -15.72
CA GLY C 214 -30.71 4.60 -14.77
C GLY C 214 -32.21 4.85 -14.81
N ALA C 215 -32.90 4.44 -13.74
CA ALA C 215 -34.34 4.62 -13.65
C ALA C 215 -34.69 6.05 -13.21
N THR C 216 -33.91 6.59 -12.29
CA THR C 216 -34.14 7.93 -11.78
C THR C 216 -34.05 9.00 -12.87
N PRO C 217 -35.03 9.91 -12.91
CA PRO C 217 -35.02 10.99 -13.91
C PRO C 217 -33.91 11.98 -13.53
N LEU C 218 -33.48 12.77 -14.50
CA LEU C 218 -32.43 13.75 -14.23
C LEU C 218 -33.05 15.01 -13.63
N PHE C 219 -33.39 14.93 -12.35
CA PHE C 219 -34.00 16.05 -11.64
C PHE C 219 -33.03 17.22 -11.50
N THR C 220 -33.57 18.43 -11.55
CA THR C 220 -32.75 19.63 -11.43
C THR C 220 -32.64 19.99 -9.95
N THR C 221 -31.69 20.86 -9.62
CA THR C 221 -31.54 21.24 -8.23
C THR C 221 -32.81 21.95 -7.74
N ASP C 222 -33.47 22.70 -8.61
CA ASP C 222 -34.71 23.39 -8.21
C ASP C 222 -35.77 22.36 -7.85
N GLU C 223 -35.91 21.32 -8.68
CA GLU C 223 -36.89 20.28 -8.42
C GLU C 223 -36.56 19.57 -7.12
N LEU C 224 -35.29 19.25 -6.92
CA LEU C 224 -34.89 18.56 -5.69
C LEU C 224 -35.16 19.41 -4.44
N ARG C 225 -34.93 20.71 -4.54
CA ARG C 225 -35.16 21.58 -3.38
C ARG C 225 -36.64 21.57 -3.01
N SER C 226 -37.51 21.59 -4.01
CA SER C 226 -38.94 21.58 -3.76
C SER C 226 -39.35 20.28 -3.05
N ALA C 227 -38.52 19.25 -3.16
CA ALA C 227 -38.80 17.96 -2.53
C ALA C 227 -38.08 17.78 -1.20
N HIS C 228 -37.45 18.85 -0.71
CA HIS C 228 -36.75 18.82 0.57
C HIS C 228 -35.49 17.95 0.58
N VAL C 229 -34.90 17.73 -0.60
CA VAL C 229 -33.67 16.93 -0.69
C VAL C 229 -32.52 17.81 -0.23
N ALA C 230 -31.66 17.27 0.64
CA ALA C 230 -30.54 18.04 1.18
C ALA C 230 -29.28 18.03 0.31
N MET C 231 -29.11 16.97 -0.47
CA MET C 231 -27.94 16.90 -1.33
C MET C 231 -28.20 16.14 -2.61
N ALA C 232 -27.60 16.63 -3.69
CA ALA C 232 -27.74 16.03 -5.01
C ALA C 232 -26.41 15.41 -5.38
N LEU C 233 -26.41 14.11 -5.62
CA LEU C 233 -25.19 13.39 -5.98
C LEU C 233 -25.12 13.03 -7.47
N TYR C 234 -23.96 13.28 -8.07
CA TYR C 234 -23.70 12.98 -9.49
C TYR C 234 -22.41 12.13 -9.36
N PRO C 235 -22.57 10.85 -9.00
CA PRO C 235 -21.47 9.90 -8.78
C PRO C 235 -20.43 9.57 -9.84
N LEU C 236 -20.83 9.46 -11.10
CA LEU C 236 -19.90 9.09 -12.17
C LEU C 236 -19.96 9.97 -13.41
N SER C 237 -20.71 11.07 -13.33
CA SER C 237 -20.87 11.98 -14.45
C SER C 237 -19.61 12.36 -15.24
N ALA C 238 -18.61 12.89 -14.55
CA ALA C 238 -17.37 13.27 -15.23
C ALA C 238 -16.66 12.04 -15.78
N PHE C 239 -16.66 10.96 -14.99
CA PHE C 239 -16.04 9.70 -15.39
C PHE C 239 -16.61 9.21 -16.72
N ARG C 240 -17.93 9.22 -16.86
CA ARG C 240 -18.54 8.77 -18.11
C ARG C 240 -18.06 9.60 -19.32
N ALA C 241 -18.00 10.92 -19.16
CA ALA C 241 -17.55 11.78 -20.25
C ALA C 241 -16.06 11.59 -20.50
N MET C 242 -15.29 11.33 -19.43
CA MET C 242 -13.84 11.17 -19.60
C MET C 242 -13.55 9.89 -20.39
N ASN C 243 -14.32 8.84 -20.14
CA ASN C 243 -14.09 7.58 -20.87
C ASN C 243 -14.42 7.68 -22.36
N ARG C 244 -15.49 8.39 -22.69
CA ARG C 244 -15.86 8.55 -24.11
C ARG C 244 -14.75 9.34 -24.82
N ALA C 245 -14.25 10.38 -24.16
CA ALA C 245 -13.22 11.22 -24.76
C ALA C 245 -11.92 10.42 -24.95
N ALA C 246 -11.57 9.62 -23.96
CA ALA C 246 -10.37 8.78 -24.02
C ALA C 246 -10.50 7.76 -25.16
N GLU C 247 -11.64 7.07 -25.20
CA GLU C 247 -11.87 6.09 -26.26
C GLU C 247 -11.75 6.72 -27.66
N HIS C 248 -12.24 7.96 -27.79
CA HIS C 248 -12.18 8.67 -29.06
C HIS C 248 -10.73 8.92 -29.49
N VAL C 249 -9.90 9.34 -28.54
CA VAL C 249 -8.49 9.58 -28.85
C VAL C 249 -7.84 8.26 -29.27
N TYR C 250 -8.10 7.19 -28.52
CA TYR C 250 -7.51 5.91 -28.86
C TYR C 250 -7.93 5.47 -30.25
N ASN C 251 -9.21 5.63 -30.57
CA ASN C 251 -9.70 5.22 -31.89
C ASN C 251 -9.11 6.04 -33.03
N VAL C 252 -9.11 7.37 -32.89
CA VAL C 252 -8.57 8.23 -33.94
C VAL C 252 -7.09 7.97 -34.17
N LEU C 253 -6.34 7.81 -33.09
CA LEU C 253 -4.91 7.57 -33.19
C LEU C 253 -4.61 6.24 -33.91
N ARG C 254 -5.43 5.23 -33.65
CA ARG C 254 -5.25 3.91 -34.26
C ARG C 254 -5.68 3.89 -35.74
N GLN C 255 -6.66 4.72 -36.08
CA GLN C 255 -7.15 4.78 -37.46
C GLN C 255 -6.27 5.67 -38.33
N GLU C 256 -5.81 6.79 -37.78
CA GLU C 256 -5.01 7.76 -38.54
C GLU C 256 -3.49 7.71 -38.44
N GLY C 257 -2.96 7.12 -37.38
CA GLY C 257 -1.52 7.08 -37.23
C GLY C 257 -0.97 8.37 -36.67
N THR C 258 -1.86 9.23 -36.17
CA THR C 258 -1.48 10.52 -35.57
C THR C 258 -2.69 11.09 -34.80
N GLN C 259 -2.43 11.90 -33.77
CA GLN C 259 -3.52 12.49 -32.99
C GLN C 259 -3.84 13.93 -33.42
N LYS C 260 -3.27 14.37 -34.53
CA LYS C 260 -3.49 15.73 -35.03
C LYS C 260 -4.95 16.16 -35.07
N SER C 261 -5.83 15.30 -35.56
CA SER C 261 -7.24 15.66 -35.67
C SER C 261 -8.06 15.71 -34.39
N VAL C 262 -7.48 15.32 -33.25
CA VAL C 262 -8.22 15.39 -31.98
C VAL C 262 -7.54 16.29 -30.96
N ILE C 263 -6.53 17.02 -31.39
CA ILE C 263 -5.82 17.94 -30.52
C ILE C 263 -6.81 18.95 -29.95
N ASP C 264 -7.79 19.34 -30.76
CA ASP C 264 -8.77 20.33 -30.34
C ASP C 264 -9.73 19.82 -29.25
N THR C 265 -9.62 18.53 -28.89
CA THR C 265 -10.49 17.97 -27.85
C THR C 265 -9.69 17.84 -26.54
N MET C 266 -8.42 18.22 -26.60
CA MET C 266 -7.53 18.06 -25.45
C MET C 266 -7.29 19.26 -24.53
N GLN C 267 -7.26 18.97 -23.23
CA GLN C 267 -6.94 19.99 -22.24
C GLN C 267 -5.50 20.35 -22.64
N THR C 268 -5.18 21.63 -22.77
CA THR C 268 -3.81 21.99 -23.16
C THR C 268 -2.85 21.81 -22.00
N ARG C 269 -1.55 21.84 -22.29
CA ARG C 269 -0.57 21.67 -21.25
C ARG C 269 -0.70 22.79 -20.21
N ASN C 270 -0.92 24.02 -20.66
CA ASN C 270 -1.07 25.10 -19.70
C ASN C 270 -2.31 24.92 -18.83
N GLU C 271 -3.40 24.42 -19.41
CA GLU C 271 -4.60 24.22 -18.61
C GLU C 271 -4.31 23.17 -17.54
N LEU C 272 -3.57 22.14 -17.90
CA LEU C 272 -3.22 21.11 -16.92
C LEU C 272 -2.33 21.74 -15.85
N TYR C 273 -1.32 22.50 -16.27
CA TYR C 273 -0.40 23.11 -15.32
C TYR C 273 -1.10 24.05 -14.35
N GLU C 274 -2.05 24.83 -14.86
CA GLU C 274 -2.77 25.75 -13.97
C GLU C 274 -3.60 24.97 -12.95
N SER C 275 -4.20 23.86 -13.39
CA SER C 275 -5.03 23.02 -12.52
C SER C 275 -4.28 22.39 -11.35
N ILE C 276 -3.01 22.05 -11.55
CA ILE C 276 -2.23 21.42 -10.49
C ILE C 276 -1.19 22.35 -9.85
N ASN C 277 -1.29 23.65 -10.16
CA ASN C 277 -0.39 24.67 -9.60
C ASN C 277 1.07 24.40 -9.95
N TYR C 278 1.27 23.93 -11.17
CA TYR C 278 2.60 23.57 -11.64
C TYR C 278 3.71 24.61 -11.56
N TYR C 279 3.44 25.81 -12.06
CA TYR C 279 4.45 26.86 -12.09
C TYR C 279 4.98 27.29 -10.74
N GLN C 280 4.11 27.33 -9.72
CA GLN C 280 4.57 27.74 -8.40
C GLN C 280 5.58 26.74 -7.84
N TYR C 281 5.45 25.48 -8.24
CA TYR C 281 6.38 24.44 -7.81
C TYR C 281 7.69 24.53 -8.60
N GLU C 282 7.58 24.59 -9.93
CA GLU C 282 8.78 24.62 -10.75
C GLU C 282 9.67 25.82 -10.46
N GLU C 283 9.05 26.97 -10.20
CA GLU C 283 9.84 28.16 -9.91
C GLU C 283 10.70 27.96 -8.65
N LYS C 284 10.15 27.28 -7.65
CA LYS C 284 10.91 27.02 -6.44
C LYS C 284 12.14 26.17 -6.76
N LEU C 285 12.01 25.22 -7.69
CA LEU C 285 13.15 24.39 -8.06
C LEU C 285 14.20 25.20 -8.81
N ASP C 286 13.77 26.09 -9.70
CA ASP C 286 14.71 26.91 -10.46
C ASP C 286 15.48 27.88 -9.56
N ASN C 287 14.84 28.30 -8.47
CA ASN C 287 15.47 29.24 -7.55
C ASN C 287 16.08 28.63 -6.30
N LEU C 288 16.84 27.56 -6.48
CA LEU C 288 17.50 26.89 -5.35
C LEU C 288 18.94 27.41 -5.22
N LEU D 2 5.36 -20.23 -17.42
CA LEU D 2 4.96 -18.91 -16.87
C LEU D 2 5.16 -17.82 -17.94
N HIS D 3 4.19 -16.93 -18.07
CA HIS D 3 4.22 -15.86 -19.06
C HIS D 3 5.04 -14.65 -18.60
N SER D 4 5.88 -14.15 -19.51
CA SER D 4 6.72 -12.98 -19.26
C SER D 4 6.19 -11.78 -20.05
N PRO D 5 5.81 -10.70 -19.36
CA PRO D 5 5.31 -9.49 -20.02
C PRO D 5 6.37 -8.89 -20.96
N GLY D 6 7.63 -8.94 -20.50
CA GLY D 6 8.71 -8.39 -21.32
C GLY D 6 8.87 -9.16 -22.61
N LYS D 7 8.72 -10.48 -22.53
CA LYS D 7 8.83 -11.31 -23.73
C LYS D 7 7.71 -10.91 -24.69
N ALA D 8 6.53 -10.61 -24.14
CA ALA D 8 5.38 -10.21 -24.97
C ALA D 8 5.62 -8.85 -25.61
N PHE D 9 6.29 -7.96 -24.89
CA PHE D 9 6.57 -6.64 -25.41
C PHE D 9 7.50 -6.77 -26.62
N ARG D 10 8.55 -7.57 -26.46
CA ARG D 10 9.51 -7.77 -27.54
C ARG D 10 8.82 -8.38 -28.75
N ALA D 11 7.87 -9.28 -28.51
CA ALA D 11 7.14 -9.92 -29.60
C ALA D 11 6.24 -8.90 -30.31
N ALA D 12 5.65 -7.99 -29.53
CA ALA D 12 4.79 -6.96 -30.09
C ALA D 12 5.58 -6.09 -31.07
N LEU D 13 6.85 -5.84 -30.75
CA LEU D 13 7.69 -5.02 -31.61
C LEU D 13 7.88 -5.63 -32.98
N THR D 14 8.08 -6.94 -33.03
CA THR D 14 8.29 -7.65 -34.29
C THR D 14 7.01 -7.79 -35.11
N LYS D 15 5.86 -7.50 -34.50
CA LYS D 15 4.57 -7.65 -35.19
C LYS D 15 3.91 -6.33 -35.59
N GLU D 16 4.48 -5.21 -35.17
CA GLU D 16 3.90 -3.91 -35.51
C GLU D 16 5.00 -2.86 -35.71
N ASN D 17 5.05 -2.29 -36.91
CA ASN D 17 6.07 -1.31 -37.22
C ASN D 17 5.53 0.01 -37.78
N PRO D 18 5.61 1.10 -36.99
CA PRO D 18 6.18 1.11 -35.63
C PRO D 18 5.13 0.64 -34.65
N LEU D 19 5.58 0.27 -33.46
CA LEU D 19 4.67 -0.20 -32.42
C LEU D 19 4.06 1.02 -31.74
N GLN D 20 2.74 1.17 -31.82
CA GLN D 20 2.09 2.29 -31.16
C GLN D 20 1.84 1.94 -29.70
N ILE D 21 2.40 2.74 -28.80
CA ILE D 21 2.24 2.51 -27.36
C ILE D 21 1.47 3.70 -26.76
N VAL D 22 0.27 3.45 -26.26
CA VAL D 22 -0.52 4.54 -25.68
C VAL D 22 -0.52 4.55 -24.16
N GLY D 23 -0.46 5.76 -23.60
CA GLY D 23 -0.51 5.92 -22.16
C GLY D 23 -1.91 5.57 -21.69
N THR D 24 -1.98 4.86 -20.56
CA THR D 24 -3.24 4.44 -19.97
C THR D 24 -3.18 4.95 -18.54
N ILE D 25 -3.99 5.97 -18.25
CA ILE D 25 -3.97 6.61 -16.94
C ILE D 25 -4.44 5.72 -15.79
N ASN D 26 -5.27 4.73 -16.11
CA ASN D 26 -5.77 3.80 -15.09
C ASN D 26 -6.16 2.47 -15.75
N ALA D 27 -6.52 1.50 -14.91
CA ALA D 27 -6.90 0.17 -15.40
C ALA D 27 -8.04 0.19 -16.41
N ASN D 28 -9.02 1.05 -16.20
CA ASN D 28 -10.15 1.16 -17.13
C ASN D 28 -9.66 1.55 -18.53
N HIS D 29 -8.82 2.56 -18.61
CA HIS D 29 -8.32 3.01 -19.91
C HIS D 29 -7.40 1.97 -20.56
N ALA D 30 -6.74 1.15 -19.75
CA ALA D 30 -5.90 0.09 -20.32
C ALA D 30 -6.85 -0.87 -21.07
N LEU D 31 -8.01 -1.16 -20.49
CA LEU D 31 -8.96 -2.05 -21.16
C LEU D 31 -9.51 -1.35 -22.41
N LEU D 32 -9.73 -0.03 -22.34
CA LEU D 32 -10.23 0.68 -23.52
C LEU D 32 -9.19 0.59 -24.66
N ALA D 33 -7.92 0.77 -24.32
CA ALA D 33 -6.85 0.69 -25.30
C ALA D 33 -6.82 -0.71 -25.92
N GLN D 34 -6.96 -1.73 -25.08
CA GLN D 34 -6.93 -3.09 -25.60
C GLN D 34 -8.10 -3.35 -26.53
N ARG D 35 -9.27 -2.86 -26.16
CA ARG D 35 -10.47 -3.05 -26.96
C ARG D 35 -10.36 -2.26 -28.28
N ALA D 36 -9.53 -1.22 -28.29
CA ALA D 36 -9.32 -0.41 -29.48
C ALA D 36 -8.27 -1.00 -30.42
N GLY D 37 -7.66 -2.11 -30.01
CA GLY D 37 -6.69 -2.77 -30.87
C GLY D 37 -5.21 -2.61 -30.59
N TYR D 38 -4.85 -1.83 -29.57
CA TYR D 38 -3.44 -1.62 -29.24
C TYR D 38 -2.79 -2.91 -28.73
N GLN D 39 -1.49 -3.02 -28.94
CA GLN D 39 -0.74 -4.20 -28.55
C GLN D 39 0.24 -3.97 -27.40
N ALA D 40 0.36 -2.72 -26.98
CA ALA D 40 1.25 -2.34 -25.88
C ALA D 40 0.75 -1.03 -25.27
N ILE D 41 0.92 -0.89 -23.97
CA ILE D 41 0.48 0.31 -23.28
C ILE D 41 1.57 0.91 -22.42
N TYR D 42 1.32 2.10 -21.88
CA TYR D 42 2.32 2.82 -21.12
C TYR D 42 1.81 3.45 -19.83
N LEU D 43 2.65 3.41 -18.79
CA LEU D 43 2.27 4.05 -17.53
C LEU D 43 3.17 5.27 -17.41
N SER D 44 2.59 6.43 -17.70
CA SER D 44 3.29 7.70 -17.68
C SER D 44 3.59 8.21 -16.26
N GLY D 45 4.82 8.64 -16.03
CA GLY D 45 5.19 9.19 -14.74
C GLY D 45 4.50 10.53 -14.55
N GLY D 46 4.37 11.27 -15.64
CA GLY D 46 3.70 12.57 -15.60
C GLY D 46 2.23 12.36 -15.32
N GLY D 47 1.72 11.19 -15.69
CA GLY D 47 0.31 10.85 -15.47
C GLY D 47 0.08 10.38 -14.03
N VAL D 48 1.02 9.60 -13.49
CA VAL D 48 0.88 9.17 -12.11
C VAL D 48 0.87 10.42 -11.23
N ALA D 49 1.79 11.35 -11.53
CA ALA D 49 1.88 12.58 -10.77
C ALA D 49 0.64 13.45 -10.92
N ALA D 50 0.39 13.93 -12.14
CA ALA D 50 -0.76 14.82 -12.42
C ALA D 50 -2.14 14.21 -12.28
N GLY D 51 -2.28 12.95 -12.64
CA GLY D 51 -3.57 12.30 -12.57
C GLY D 51 -3.86 11.57 -11.27
N SER D 52 -3.03 10.60 -10.91
CA SER D 52 -3.26 9.86 -9.68
C SER D 52 -3.01 10.68 -8.42
N LEU D 53 -2.04 11.60 -8.48
CA LEU D 53 -1.75 12.40 -7.30
C LEU D 53 -2.17 13.86 -7.38
N GLY D 54 -2.48 14.36 -8.59
CA GLY D 54 -2.88 15.75 -8.73
C GLY D 54 -1.72 16.69 -8.42
N LEU D 55 -0.50 16.21 -8.69
CA LEU D 55 0.72 16.97 -8.43
C LEU D 55 1.59 17.15 -9.67
N PRO D 56 2.52 18.12 -9.64
CA PRO D 56 3.43 18.37 -10.77
C PRO D 56 4.37 17.18 -11.01
N ASP D 57 4.81 17.02 -12.26
CA ASP D 57 5.75 15.95 -12.64
C ASP D 57 7.15 16.50 -12.29
N LEU D 58 7.47 16.54 -11.00
CA LEU D 58 8.75 17.06 -10.53
C LEU D 58 9.48 16.19 -9.52
N GLY D 59 9.38 14.87 -9.68
CA GLY D 59 10.07 13.96 -8.76
C GLY D 59 9.42 13.89 -7.39
N ILE D 60 8.12 14.19 -7.31
CA ILE D 60 7.41 14.14 -6.04
C ILE D 60 6.77 12.76 -5.80
N SER D 61 6.41 12.06 -6.88
CA SER D 61 5.81 10.74 -6.77
C SER D 61 6.84 9.74 -6.23
N THR D 62 6.35 8.72 -5.53
CA THR D 62 7.22 7.69 -4.96
C THR D 62 7.10 6.41 -5.77
N LEU D 63 8.04 5.48 -5.54
CA LEU D 63 8.01 4.20 -6.24
C LEU D 63 6.67 3.52 -5.96
N ASP D 64 6.22 3.59 -4.71
CA ASP D 64 4.96 3.01 -4.28
C ASP D 64 3.74 3.54 -5.06
N ASP D 65 3.71 4.85 -5.33
CA ASP D 65 2.60 5.42 -6.08
C ASP D 65 2.55 4.73 -7.46
N VAL D 66 3.71 4.55 -8.07
CA VAL D 66 3.79 3.91 -9.37
C VAL D 66 3.45 2.42 -9.32
N LEU D 67 3.97 1.70 -8.32
CA LEU D 67 3.69 0.26 -8.19
C LEU D 67 2.20 0.00 -8.07
N THR D 68 1.52 0.83 -7.30
CA THR D 68 0.07 0.67 -7.13
C THR D 68 -0.62 0.71 -8.49
N ASP D 69 -0.30 1.70 -9.31
CA ASP D 69 -0.91 1.81 -10.64
C ASP D 69 -0.50 0.65 -11.56
N ILE D 70 0.72 0.15 -11.43
CA ILE D 70 1.15 -0.98 -12.27
C ILE D 70 0.29 -2.21 -11.91
N ARG D 71 0.13 -2.48 -10.63
CA ARG D 71 -0.65 -3.65 -10.24
C ARG D 71 -2.10 -3.53 -10.67
N ARG D 72 -2.69 -2.35 -10.51
CA ARG D 72 -4.07 -2.17 -10.92
C ARG D 72 -4.25 -2.46 -12.40
N ILE D 73 -3.38 -1.89 -13.22
CA ILE D 73 -3.47 -2.08 -14.66
C ILE D 73 -3.16 -3.52 -15.10
N THR D 74 -2.05 -4.08 -14.65
CA THR D 74 -1.68 -5.41 -15.11
C THR D 74 -2.48 -6.56 -14.47
N ASP D 75 -3.16 -6.30 -13.37
CA ASP D 75 -4.00 -7.34 -12.77
C ASP D 75 -5.20 -7.66 -13.66
N VAL D 76 -5.65 -6.68 -14.46
CA VAL D 76 -6.82 -6.88 -15.31
C VAL D 76 -6.56 -6.82 -16.83
N CYS D 77 -5.51 -6.11 -17.24
CA CYS D 77 -5.19 -6.00 -18.67
C CYS D 77 -3.96 -6.84 -19.01
N SER D 78 -4.08 -7.69 -20.02
CA SER D 78 -2.98 -8.58 -20.43
C SER D 78 -1.92 -7.97 -21.35
N LEU D 79 -2.14 -6.75 -21.85
CA LEU D 79 -1.16 -6.10 -22.72
C LEU D 79 0.14 -5.74 -21.98
N PRO D 80 1.29 -5.87 -22.66
CA PRO D 80 2.55 -5.53 -21.98
C PRO D 80 2.59 -4.03 -21.68
N LEU D 81 2.96 -3.73 -20.45
CA LEU D 81 3.03 -2.36 -19.95
C LEU D 81 4.46 -1.82 -19.77
N LEU D 82 4.79 -0.78 -20.53
CA LEU D 82 6.09 -0.10 -20.41
C LEU D 82 5.89 0.95 -19.32
N VAL D 83 6.80 1.02 -18.35
CA VAL D 83 6.64 1.96 -17.24
C VAL D 83 7.71 3.04 -17.15
N ASP D 84 7.26 4.27 -16.90
CA ASP D 84 8.16 5.41 -16.72
C ASP D 84 8.74 5.28 -15.30
N ALA D 85 10.04 5.01 -15.17
CA ALA D 85 10.63 4.88 -13.83
C ALA D 85 11.50 6.07 -13.43
N ASP D 86 11.29 7.21 -14.07
CA ASP D 86 12.05 8.43 -13.79
C ASP D 86 13.56 8.14 -13.66
N ILE D 87 14.15 8.40 -12.49
CA ILE D 87 15.59 8.15 -12.34
C ILE D 87 15.92 6.95 -11.45
N GLY D 88 14.90 6.15 -11.11
CA GLY D 88 15.15 5.00 -10.27
C GLY D 88 14.63 5.07 -8.86
N PHE D 89 14.03 6.21 -8.49
CA PHE D 89 13.45 6.42 -7.15
C PHE D 89 14.36 6.25 -5.95
N GLY D 90 15.41 7.05 -5.90
CA GLY D 90 16.34 6.97 -4.78
C GLY D 90 17.65 7.54 -5.23
N SER D 91 18.61 7.66 -4.30
CA SER D 91 19.89 8.23 -4.64
C SER D 91 20.99 7.24 -5.02
N SER D 92 20.77 5.95 -4.79
CA SER D 92 21.81 4.97 -5.09
C SER D 92 21.39 3.83 -6.01
N ALA D 93 22.38 3.04 -6.42
CA ALA D 93 22.12 1.90 -7.28
C ALA D 93 21.27 0.87 -6.56
N PHE D 94 21.24 0.93 -5.22
CA PHE D 94 20.42 -0.03 -4.46
C PHE D 94 18.96 0.31 -4.70
N ASN D 95 18.66 1.61 -4.81
CA ASN D 95 17.30 2.05 -5.07
C ASN D 95 16.91 1.70 -6.50
N VAL D 96 17.84 1.88 -7.44
CA VAL D 96 17.57 1.54 -8.84
C VAL D 96 17.25 0.05 -8.94
N ALA D 97 18.03 -0.78 -8.23
CA ALA D 97 17.83 -2.22 -8.27
C ALA D 97 16.49 -2.63 -7.67
N ARG D 98 16.12 -2.02 -6.55
CA ARG D 98 14.83 -2.38 -5.92
C ARG D 98 13.66 -1.97 -6.82
N THR D 99 13.79 -0.84 -7.50
CA THR D 99 12.76 -0.38 -8.40
C THR D 99 12.55 -1.41 -9.52
N VAL D 100 13.64 -1.87 -10.12
CA VAL D 100 13.55 -2.86 -11.19
C VAL D 100 12.86 -4.13 -10.72
N LYS D 101 13.36 -4.68 -9.63
CA LYS D 101 12.80 -5.91 -9.10
C LYS D 101 11.33 -5.75 -8.70
N SER D 102 11.01 -4.62 -8.08
CA SER D 102 9.64 -4.36 -7.66
C SER D 102 8.69 -4.18 -8.85
N MET D 103 9.13 -3.49 -9.90
CA MET D 103 8.25 -3.30 -11.04
C MET D 103 8.02 -4.61 -11.80
N ILE D 104 9.02 -5.49 -11.81
CA ILE D 104 8.87 -6.77 -12.48
C ILE D 104 7.82 -7.59 -11.73
N LYS D 105 7.91 -7.60 -10.40
CA LYS D 105 6.96 -8.36 -9.58
C LYS D 105 5.56 -7.77 -9.70
N ALA D 106 5.49 -6.45 -9.86
CA ALA D 106 4.20 -5.77 -9.99
C ALA D 106 3.52 -6.12 -11.33
N GLY D 107 4.28 -6.62 -12.30
CA GLY D 107 3.70 -7.03 -13.57
C GLY D 107 4.11 -6.29 -14.82
N ALA D 108 5.04 -5.35 -14.70
CA ALA D 108 5.49 -4.55 -15.86
C ALA D 108 6.29 -5.33 -16.89
N ALA D 109 6.25 -4.87 -18.15
CA ALA D 109 6.98 -5.53 -19.24
C ALA D 109 8.34 -4.88 -19.42
N GLY D 110 8.46 -3.63 -18.99
CA GLY D 110 9.72 -2.92 -19.11
C GLY D 110 9.65 -1.57 -18.45
N LEU D 111 10.77 -0.86 -18.43
CA LEU D 111 10.77 0.47 -17.83
C LEU D 111 11.85 1.29 -18.48
N HIS D 112 11.74 2.61 -18.38
CA HIS D 112 12.80 3.47 -18.87
C HIS D 112 13.28 4.33 -17.69
N ILE D 113 14.59 4.55 -17.68
CA ILE D 113 15.23 5.36 -16.65
C ILE D 113 15.95 6.46 -17.42
N GLU D 114 15.97 7.67 -16.87
CA GLU D 114 16.58 8.81 -17.55
C GLU D 114 17.83 9.36 -16.86
N ASP D 115 18.55 10.24 -17.57
CA ASP D 115 19.79 10.81 -17.05
C ASP D 115 19.67 12.17 -16.36
N GLN D 116 18.49 12.51 -15.88
CA GLN D 116 18.31 13.78 -15.18
C GLN D 116 18.81 13.73 -13.74
N VAL D 117 19.03 14.92 -13.17
CA VAL D 117 19.52 15.05 -11.81
C VAL D 117 18.40 15.23 -10.80
N GLY D 118 18.32 14.29 -9.86
CA GLY D 118 17.34 14.32 -8.78
C GLY D 118 15.90 14.63 -9.07
N ALA D 119 15.48 15.84 -8.71
CA ALA D 119 14.10 16.27 -8.94
C ALA D 119 13.94 16.57 -10.42
N LYS D 120 13.63 15.54 -11.21
CA LYS D 120 13.47 15.70 -12.65
C LYS D 120 12.24 16.49 -13.05
N ARG D 121 12.17 16.80 -14.35
CA ARG D 121 11.03 17.51 -14.90
C ARG D 121 10.75 16.97 -16.29
N SER D 122 9.61 17.31 -16.85
CA SER D 122 9.25 16.86 -18.19
C SER D 122 10.37 17.19 -19.17
N GLY D 123 10.61 16.30 -20.12
CA GLY D 123 11.65 16.53 -21.12
C GLY D 123 11.32 17.70 -22.03
N HIS D 124 10.10 18.20 -21.94
CA HIS D 124 9.67 19.32 -22.77
C HIS D 124 9.65 20.64 -21.99
N ARG D 125 10.27 20.63 -20.82
CA ARG D 125 10.38 21.83 -19.98
C ARG D 125 11.79 22.39 -20.09
N PRO D 126 11.94 23.71 -19.88
CA PRO D 126 13.27 24.29 -19.97
C PRO D 126 14.07 24.06 -18.68
N ASN D 127 15.37 24.36 -18.73
CA ASN D 127 16.25 24.26 -17.58
C ASN D 127 16.37 22.89 -16.91
N LYS D 128 16.44 21.83 -17.68
CA LYS D 128 16.62 20.55 -17.02
C LYS D 128 18.13 20.35 -16.80
N ALA D 129 18.46 19.51 -15.83
CA ALA D 129 19.85 19.22 -15.50
C ALA D 129 20.07 17.73 -15.59
N ILE D 130 21.20 17.32 -16.15
CA ILE D 130 21.48 15.91 -16.28
C ILE D 130 22.77 15.52 -15.60
N VAL D 131 22.86 14.26 -15.19
CA VAL D 131 24.05 13.75 -14.52
C VAL D 131 25.12 13.43 -15.55
N SER D 132 26.32 13.10 -15.06
CA SER D 132 27.43 12.79 -15.95
C SER D 132 27.12 11.50 -16.71
N LYS D 133 27.75 11.34 -17.87
CA LYS D 133 27.55 10.14 -18.66
C LYS D 133 27.91 8.91 -17.81
N GLU D 134 28.97 9.06 -17.00
CA GLU D 134 29.44 8.01 -16.13
C GLU D 134 28.40 7.62 -15.08
N GLU D 135 27.74 8.60 -14.48
CA GLU D 135 26.74 8.29 -13.47
C GLU D 135 25.53 7.63 -14.09
N MET D 136 25.14 8.04 -15.30
CA MET D 136 23.98 7.39 -15.93
C MET D 136 24.36 5.95 -16.26
N VAL D 137 25.59 5.76 -16.72
CA VAL D 137 26.04 4.41 -17.05
C VAL D 137 25.90 3.50 -15.82
N ASP D 138 26.22 4.05 -14.64
CA ASP D 138 26.11 3.29 -13.40
C ASP D 138 24.65 2.94 -13.08
N ARG D 139 23.73 3.86 -13.35
CA ARG D 139 22.33 3.57 -13.09
C ARG D 139 21.85 2.46 -14.01
N ILE D 140 22.29 2.49 -15.26
CA ILE D 140 21.89 1.49 -16.23
C ILE D 140 22.47 0.12 -15.85
N ARG D 141 23.74 0.08 -15.45
CA ARG D 141 24.35 -1.19 -15.07
C ARG D 141 23.62 -1.78 -13.87
N ALA D 142 23.27 -0.91 -12.93
CA ALA D 142 22.55 -1.35 -11.74
C ALA D 142 21.21 -1.93 -12.14
N ALA D 143 20.50 -1.25 -13.03
CA ALA D 143 19.19 -1.69 -13.48
C ALA D 143 19.23 -3.01 -14.22
N VAL D 144 20.15 -3.15 -15.16
CA VAL D 144 20.25 -4.37 -15.94
C VAL D 144 20.64 -5.58 -15.08
N ASP D 145 21.54 -5.35 -14.12
CA ASP D 145 21.96 -6.44 -13.26
C ASP D 145 20.87 -6.91 -12.31
N ALA D 146 19.91 -6.03 -12.02
CA ALA D 146 18.81 -6.35 -11.11
C ALA D 146 17.67 -7.16 -11.73
N LYS D 147 17.63 -7.23 -13.06
CA LYS D 147 16.58 -7.98 -13.76
C LYS D 147 16.40 -9.40 -13.26
N THR D 148 15.19 -9.73 -12.82
CA THR D 148 14.91 -11.08 -12.34
C THR D 148 14.26 -11.87 -13.46
N ASP D 149 13.79 -11.15 -14.48
CA ASP D 149 13.20 -11.74 -15.68
C ASP D 149 14.11 -11.25 -16.80
N PRO D 150 14.84 -12.16 -17.45
CA PRO D 150 15.74 -11.76 -18.53
C PRO D 150 15.09 -11.01 -19.68
N ASP D 151 13.80 -11.26 -19.90
CA ASP D 151 13.11 -10.60 -20.99
C ASP D 151 12.49 -9.25 -20.62
N PHE D 152 12.57 -8.88 -19.34
CA PHE D 152 12.08 -7.57 -18.91
C PHE D 152 12.94 -6.57 -19.67
N VAL D 153 12.34 -5.47 -20.13
CA VAL D 153 13.09 -4.49 -20.90
C VAL D 153 13.61 -3.29 -20.14
N ILE D 154 14.92 -3.03 -20.26
CA ILE D 154 15.51 -1.85 -19.62
C ILE D 154 15.80 -0.87 -20.75
N MET D 155 15.03 0.21 -20.78
CA MET D 155 15.17 1.26 -21.79
C MET D 155 15.85 2.49 -21.17
N ALA D 156 16.80 3.09 -21.88
CA ALA D 156 17.46 4.29 -21.37
C ALA D 156 16.92 5.50 -22.10
N ARG D 157 16.61 6.55 -21.34
CA ARG D 157 16.09 7.79 -21.90
C ARG D 157 17.15 8.86 -21.68
N THR D 158 17.40 9.68 -22.69
CA THR D 158 18.36 10.76 -22.50
C THR D 158 17.67 12.10 -22.72
N ASP D 159 17.89 13.02 -21.80
CA ASP D 159 17.33 14.37 -21.89
C ASP D 159 18.42 15.35 -22.31
N ALA D 160 19.52 14.81 -22.85
CA ALA D 160 20.68 15.63 -23.21
C ALA D 160 20.59 16.55 -24.42
N LEU D 161 19.69 16.28 -25.35
CA LEU D 161 19.58 17.13 -26.54
C LEU D 161 19.47 18.63 -26.23
N ALA D 162 18.50 18.99 -25.40
CA ALA D 162 18.29 20.40 -25.06
C ALA D 162 19.42 20.99 -24.20
N VAL D 163 20.15 20.14 -23.50
CA VAL D 163 21.20 20.63 -22.63
C VAL D 163 22.59 20.67 -23.24
N GLU D 164 22.99 19.59 -23.90
CA GLU D 164 24.32 19.51 -24.47
C GLU D 164 24.40 19.44 -25.99
N GLY D 165 23.26 19.35 -26.67
CA GLY D 165 23.29 19.27 -28.13
C GLY D 165 23.18 17.85 -28.66
N LEU D 166 22.89 17.74 -29.94
CA LEU D 166 22.72 16.44 -30.60
C LEU D 166 23.90 15.49 -30.53
N ASP D 167 25.09 15.94 -30.91
CA ASP D 167 26.26 15.08 -30.88
C ASP D 167 26.56 14.51 -29.50
N ALA D 168 26.45 15.35 -28.48
CA ALA D 168 26.70 14.91 -27.10
C ALA D 168 25.61 13.95 -26.65
N ALA D 169 24.39 14.18 -27.14
CA ALA D 169 23.27 13.32 -26.79
C ALA D 169 23.45 11.95 -27.43
N ILE D 170 23.97 11.93 -28.66
CA ILE D 170 24.20 10.67 -29.36
C ILE D 170 25.35 9.92 -28.69
N GLU D 171 26.39 10.64 -28.28
CA GLU D 171 27.53 10.02 -27.62
C GLU D 171 27.07 9.38 -26.31
N ARG D 172 26.20 10.06 -25.58
CA ARG D 172 25.69 9.50 -24.33
C ARG D 172 24.88 8.26 -24.66
N ALA D 173 24.03 8.35 -25.69
CA ALA D 173 23.20 7.22 -26.09
C ALA D 173 24.03 5.99 -26.37
N GLN D 174 25.17 6.16 -27.04
CA GLN D 174 26.03 5.02 -27.36
C GLN D 174 26.62 4.42 -26.09
N ALA D 175 27.02 5.27 -25.14
CA ALA D 175 27.57 4.79 -23.87
C ALA D 175 26.50 4.04 -23.08
N TYR D 176 25.25 4.52 -23.15
CA TYR D 176 24.16 3.89 -22.42
C TYR D 176 23.85 2.49 -22.93
N VAL D 177 23.85 2.33 -24.24
CA VAL D 177 23.57 1.04 -24.85
C VAL D 177 24.74 0.12 -24.58
N GLU D 178 25.95 0.67 -24.62
CA GLU D 178 27.13 -0.12 -24.34
C GLU D 178 27.06 -0.63 -22.91
N ALA D 179 26.45 0.16 -22.02
CA ALA D 179 26.32 -0.23 -20.62
C ALA D 179 25.23 -1.27 -20.41
N GLY D 180 24.47 -1.58 -21.46
CA GLY D 180 23.41 -2.57 -21.31
C GLY D 180 21.99 -2.15 -21.65
N ALA D 181 21.76 -0.87 -21.90
CA ALA D 181 20.41 -0.41 -22.26
C ALA D 181 19.98 -1.19 -23.50
N GLU D 182 18.76 -1.73 -23.45
CA GLU D 182 18.24 -2.55 -24.53
C GLU D 182 17.48 -1.80 -25.61
N MET D 183 16.97 -0.64 -25.27
CA MET D 183 16.25 0.22 -26.21
C MET D 183 16.58 1.64 -25.81
N LEU D 184 16.41 2.58 -26.72
CA LEU D 184 16.75 3.96 -26.41
C LEU D 184 15.57 4.91 -26.63
N PHE D 185 15.51 5.90 -25.76
CA PHE D 185 14.45 6.90 -25.77
C PHE D 185 15.06 8.29 -25.80
N PRO D 186 15.29 8.84 -27.00
CA PRO D 186 15.87 10.19 -27.14
C PRO D 186 14.68 11.13 -26.96
N GLU D 187 14.65 11.81 -25.82
CA GLU D 187 13.54 12.69 -25.49
C GLU D 187 13.53 14.06 -26.15
N ALA D 188 12.31 14.54 -26.42
CA ALA D 188 12.07 15.85 -27.01
C ALA D 188 12.85 16.19 -28.27
N ILE D 189 12.84 15.27 -29.23
CA ILE D 189 13.52 15.47 -30.51
C ILE D 189 12.75 16.53 -31.28
N THR D 190 13.45 17.40 -32.00
CA THR D 190 12.77 18.46 -32.72
C THR D 190 12.70 18.26 -34.23
N GLU D 191 13.54 17.38 -34.77
CA GLU D 191 13.55 17.12 -36.20
C GLU D 191 13.57 15.63 -36.50
N LEU D 192 12.71 15.21 -37.42
CA LEU D 192 12.59 13.81 -37.81
C LEU D 192 13.95 13.13 -38.05
N ALA D 193 14.80 13.80 -38.81
CA ALA D 193 16.13 13.28 -39.15
C ALA D 193 16.97 12.90 -37.93
N MET D 194 16.71 13.55 -36.80
CA MET D 194 17.47 13.25 -35.59
C MET D 194 17.22 11.81 -35.14
N TYR D 195 15.99 11.33 -35.30
CA TYR D 195 15.69 9.95 -34.90
C TYR D 195 16.54 8.97 -35.69
N ARG D 196 16.66 9.21 -37.00
CA ARG D 196 17.45 8.34 -37.87
C ARG D 196 18.91 8.31 -37.40
N GLN D 197 19.41 9.45 -36.93
CA GLN D 197 20.79 9.53 -36.43
C GLN D 197 20.97 8.68 -35.19
N PHE D 198 20.03 8.74 -34.26
CA PHE D 198 20.12 7.92 -33.06
C PHE D 198 20.01 6.45 -33.46
N ALA D 199 19.12 6.16 -34.41
CA ALA D 199 18.93 4.78 -34.87
C ALA D 199 20.22 4.20 -35.41
N ASP D 200 20.89 4.95 -36.28
CA ASP D 200 22.14 4.49 -36.89
C ASP D 200 23.27 4.36 -35.88
N ALA D 201 23.28 5.22 -34.87
CA ALA D 201 24.34 5.20 -33.86
C ALA D 201 24.29 4.09 -32.81
N VAL D 202 23.10 3.66 -32.40
CA VAL D 202 23.02 2.63 -31.36
C VAL D 202 22.61 1.21 -31.75
N GLN D 203 21.93 1.04 -32.88
CA GLN D 203 21.58 -0.31 -33.30
C GLN D 203 20.64 -1.08 -32.36
N VAL D 204 19.80 -0.35 -31.62
CA VAL D 204 18.83 -0.98 -30.74
C VAL D 204 17.52 -0.24 -31.06
N PRO D 205 16.37 -0.82 -30.68
CA PRO D 205 15.11 -0.14 -30.98
C PRO D 205 15.02 1.28 -30.41
N ILE D 206 14.55 2.21 -31.23
CA ILE D 206 14.39 3.62 -30.84
C ILE D 206 12.91 3.96 -30.59
N LEU D 207 12.65 4.68 -29.51
CA LEU D 207 11.29 5.11 -29.18
C LEU D 207 11.15 6.62 -29.37
N ALA D 208 10.07 7.04 -30.04
CA ALA D 208 9.79 8.44 -30.28
C ALA D 208 8.63 8.83 -29.38
N ASN D 209 8.82 9.88 -28.58
CA ASN D 209 7.80 10.37 -27.66
C ASN D 209 6.95 11.45 -28.35
N ILE D 210 5.81 11.05 -28.91
CA ILE D 210 4.95 11.99 -29.61
C ILE D 210 3.89 12.57 -28.68
N THR D 211 4.35 13.36 -27.72
CA THR D 211 3.46 13.99 -26.77
C THR D 211 3.05 15.37 -27.31
N GLU D 212 1.88 15.85 -26.89
CA GLU D 212 1.36 17.13 -27.35
C GLU D 212 1.90 18.34 -26.62
N PHE D 213 1.77 19.51 -27.26
CA PHE D 213 2.16 20.77 -26.68
C PHE D 213 3.58 20.80 -26.15
N GLY D 214 4.52 20.23 -26.91
CA GLY D 214 5.91 20.20 -26.51
C GLY D 214 6.85 20.62 -27.63
N ALA D 215 8.09 20.12 -27.57
CA ALA D 215 9.09 20.46 -28.56
C ALA D 215 9.11 19.54 -29.78
N THR D 216 8.32 18.48 -29.74
CA THR D 216 8.31 17.51 -30.83
C THR D 216 7.09 17.64 -31.73
N PRO D 217 7.32 17.73 -33.06
CA PRO D 217 6.20 17.84 -33.98
C PRO D 217 5.35 16.58 -33.86
N LEU D 218 4.10 16.66 -34.33
CA LEU D 218 3.24 15.49 -34.29
C LEU D 218 3.53 14.62 -35.50
N PHE D 219 4.62 13.86 -35.43
CA PHE D 219 5.00 12.98 -36.53
C PHE D 219 4.03 11.81 -36.66
N THR D 220 3.75 11.41 -37.90
CA THR D 220 2.85 10.30 -38.19
C THR D 220 3.65 9.00 -38.08
N THR D 221 2.96 7.87 -37.99
CA THR D 221 3.67 6.61 -37.90
C THR D 221 4.46 6.32 -39.19
N ASP D 222 3.98 6.82 -40.32
CA ASP D 222 4.70 6.63 -41.58
C ASP D 222 6.01 7.41 -41.54
N GLU D 223 5.96 8.66 -41.04
CA GLU D 223 7.15 9.48 -40.96
C GLU D 223 8.16 8.83 -40.01
N LEU D 224 7.68 8.34 -38.88
CA LEU D 224 8.53 7.71 -37.90
C LEU D 224 9.20 6.45 -38.45
N ARG D 225 8.43 5.67 -39.23
CA ARG D 225 8.96 4.44 -39.79
C ARG D 225 10.09 4.77 -40.77
N SER D 226 9.94 5.87 -41.51
CA SER D 226 10.96 6.27 -42.48
C SER D 226 12.27 6.66 -41.78
N ALA D 227 12.17 7.13 -40.54
CA ALA D 227 13.34 7.53 -39.77
C ALA D 227 13.86 6.39 -38.89
N HIS D 228 13.41 5.17 -39.20
CA HIS D 228 13.82 3.97 -38.47
C HIS D 228 13.47 3.95 -36.99
N VAL D 229 12.31 4.52 -36.66
CA VAL D 229 11.83 4.54 -35.28
C VAL D 229 11.01 3.27 -35.10
N ALA D 230 11.30 2.52 -34.04
CA ALA D 230 10.61 1.25 -33.76
C ALA D 230 9.34 1.38 -32.94
N MET D 231 9.25 2.44 -32.15
CA MET D 231 8.09 2.63 -31.28
C MET D 231 7.61 4.08 -31.26
N ALA D 232 6.29 4.26 -31.28
CA ALA D 232 5.69 5.59 -31.22
C ALA D 232 4.89 5.67 -29.93
N LEU D 233 5.30 6.57 -29.04
CA LEU D 233 4.65 6.73 -27.73
C LEU D 233 3.72 7.96 -27.65
N TYR D 234 2.54 7.78 -27.08
CA TYR D 234 1.53 8.85 -26.91
C TYR D 234 1.23 8.72 -25.43
N PRO D 235 2.10 9.29 -24.58
CA PRO D 235 2.00 9.24 -23.13
C PRO D 235 0.79 9.75 -22.36
N LEU D 236 0.23 10.88 -22.78
CA LEU D 236 -0.89 11.48 -22.05
C LEU D 236 -2.07 11.90 -22.91
N SER D 237 -2.04 11.54 -24.19
CA SER D 237 -3.09 11.93 -25.15
C SER D 237 -4.52 11.70 -24.65
N ALA D 238 -4.84 10.48 -24.23
CA ALA D 238 -6.19 10.19 -23.75
C ALA D 238 -6.49 10.98 -22.48
N PHE D 239 -5.49 11.09 -21.61
CA PHE D 239 -5.63 11.83 -20.34
C PHE D 239 -6.03 13.28 -20.61
N ARG D 240 -5.38 13.92 -21.57
CA ARG D 240 -5.70 15.33 -21.86
C ARG D 240 -7.15 15.49 -22.32
N ALA D 241 -7.64 14.58 -23.15
CA ALA D 241 -9.00 14.65 -23.64
C ALA D 241 -9.97 14.34 -22.52
N MET D 242 -9.59 13.39 -21.67
CA MET D 242 -10.44 13.01 -20.56
C MET D 242 -10.64 14.16 -19.58
N ASN D 243 -9.58 14.96 -19.39
CA ASN D 243 -9.65 16.07 -18.45
C ASN D 243 -10.55 17.19 -18.96
N ARG D 244 -10.48 17.48 -20.25
CA ARG D 244 -11.33 18.54 -20.80
C ARG D 244 -12.79 18.12 -20.67
N ALA D 245 -13.07 16.86 -20.99
CA ALA D 245 -14.43 16.31 -20.92
C ALA D 245 -15.02 16.35 -19.51
N ALA D 246 -14.20 16.03 -18.51
CA ALA D 246 -14.65 16.04 -17.12
C ALA D 246 -14.89 17.48 -16.69
N GLU D 247 -13.98 18.37 -17.07
CA GLU D 247 -14.10 19.78 -16.71
C GLU D 247 -15.40 20.35 -17.28
N HIS D 248 -15.73 19.96 -18.51
CA HIS D 248 -16.94 20.43 -19.16
C HIS D 248 -18.16 20.00 -18.35
N VAL D 249 -18.22 18.72 -17.98
CA VAL D 249 -19.33 18.20 -17.19
C VAL D 249 -19.46 18.94 -15.87
N TYR D 250 -18.35 19.13 -15.17
CA TYR D 250 -18.40 19.83 -13.89
C TYR D 250 -18.93 21.26 -14.07
N ASN D 251 -18.45 21.95 -15.10
CA ASN D 251 -18.90 23.32 -15.32
C ASN D 251 -20.36 23.42 -15.69
N VAL D 252 -20.79 22.62 -16.65
CA VAL D 252 -22.19 22.64 -17.07
C VAL D 252 -23.12 22.30 -15.92
N LEU D 253 -22.77 21.26 -15.17
CA LEU D 253 -23.61 20.84 -14.04
C LEU D 253 -23.74 21.95 -13.00
N ARG D 254 -22.66 22.67 -12.77
CA ARG D 254 -22.64 23.73 -11.76
C ARG D 254 -23.45 24.94 -12.19
N GLN D 255 -23.33 25.30 -13.46
CA GLN D 255 -24.03 26.47 -14.01
C GLN D 255 -25.51 26.22 -14.32
N GLU D 256 -25.83 25.04 -14.82
CA GLU D 256 -27.22 24.73 -15.17
C GLU D 256 -28.05 24.01 -14.12
N GLY D 257 -27.40 23.40 -13.14
CA GLY D 257 -28.15 22.69 -12.11
C GLY D 257 -28.62 21.32 -12.55
N THR D 258 -28.06 20.82 -13.64
CA THR D 258 -28.41 19.50 -14.17
C THR D 258 -27.40 19.16 -15.27
N GLN D 259 -27.20 17.87 -15.51
CA GLN D 259 -26.24 17.44 -16.54
C GLN D 259 -26.94 17.06 -17.85
N LYS D 260 -28.24 17.32 -17.93
CA LYS D 260 -28.99 16.97 -19.13
C LYS D 260 -28.34 17.36 -20.46
N SER D 261 -27.78 18.56 -20.54
CA SER D 261 -27.19 19.04 -21.79
C SER D 261 -25.87 18.42 -22.21
N VAL D 262 -25.29 17.59 -21.35
CA VAL D 262 -24.03 16.94 -21.68
C VAL D 262 -24.10 15.42 -21.68
N ILE D 263 -25.32 14.89 -21.56
CA ILE D 263 -25.50 13.45 -21.57
C ILE D 263 -24.91 12.86 -22.85
N ASP D 264 -25.05 13.58 -23.96
CA ASP D 264 -24.54 13.09 -25.24
C ASP D 264 -23.02 13.00 -25.33
N THR D 265 -22.30 13.51 -24.33
CA THR D 265 -20.83 13.43 -24.35
C THR D 265 -20.35 12.29 -23.46
N MET D 266 -21.30 11.56 -22.86
CA MET D 266 -20.97 10.48 -21.96
C MET D 266 -21.03 9.06 -22.46
N GLN D 267 -20.07 8.25 -22.02
CA GLN D 267 -20.03 6.84 -22.35
C GLN D 267 -21.26 6.30 -21.62
N THR D 268 -22.06 5.46 -22.30
CA THR D 268 -23.27 4.93 -21.67
C THR D 268 -22.92 3.83 -20.68
N ARG D 269 -23.88 3.48 -19.82
CA ARG D 269 -23.66 2.43 -18.84
C ARG D 269 -23.43 1.10 -19.55
N ASN D 270 -24.13 0.87 -20.66
CA ASN D 270 -23.95 -0.39 -21.38
C ASN D 270 -22.55 -0.48 -21.96
N GLU D 271 -22.02 0.65 -22.44
CA GLU D 271 -20.68 0.68 -23.00
C GLU D 271 -19.68 0.44 -21.87
N LEU D 272 -19.93 1.05 -20.72
CA LEU D 272 -19.04 0.86 -19.57
C LEU D 272 -19.01 -0.61 -19.17
N TYR D 273 -20.18 -1.22 -19.05
CA TYR D 273 -20.25 -2.62 -18.68
C TYR D 273 -19.55 -3.53 -19.67
N GLU D 274 -19.64 -3.20 -20.96
CA GLU D 274 -18.97 -4.01 -21.98
C GLU D 274 -17.44 -3.92 -21.87
N SER D 275 -16.94 -2.72 -21.59
CA SER D 275 -15.50 -2.52 -21.48
C SER D 275 -14.88 -3.24 -20.28
N ILE D 276 -15.67 -3.49 -19.23
CA ILE D 276 -15.13 -4.18 -18.06
C ILE D 276 -15.65 -5.62 -17.91
N ASN D 277 -16.32 -6.11 -18.95
CA ASN D 277 -16.86 -7.48 -18.95
C ASN D 277 -17.82 -7.74 -17.79
N TYR D 278 -18.64 -6.76 -17.49
CA TYR D 278 -19.59 -6.83 -16.39
C TYR D 278 -20.55 -8.02 -16.36
N TYR D 279 -21.41 -8.14 -17.37
CA TYR D 279 -22.37 -9.23 -17.40
C TYR D 279 -21.71 -10.59 -17.36
N GLN D 280 -20.47 -10.66 -17.84
CA GLN D 280 -19.70 -11.90 -17.83
C GLN D 280 -19.52 -12.29 -16.36
N TYR D 281 -19.26 -11.29 -15.51
CA TYR D 281 -19.07 -11.52 -14.08
C TYR D 281 -20.38 -11.87 -13.37
N GLU D 282 -21.36 -10.98 -13.46
CA GLU D 282 -22.65 -11.18 -12.79
C GLU D 282 -23.24 -12.58 -12.95
N GLU D 283 -23.21 -13.10 -14.17
CA GLU D 283 -23.75 -14.42 -14.44
C GLU D 283 -23.11 -15.51 -13.59
N LYS D 284 -21.93 -15.23 -13.05
CA LYS D 284 -21.21 -16.19 -12.22
C LYS D 284 -21.18 -15.76 -10.76
#